data_9IJW
#
_entry.id   9IJW
#
_cell.length_a   1.000
_cell.length_b   1.000
_cell.length_c   1.000
_cell.angle_alpha   90.00
_cell.angle_beta   90.00
_cell.angle_gamma   90.00
#
_symmetry.space_group_name_H-M   'P 1'
#
_entity_poly.entity_id   1
_entity_poly.type   'polypeptide(L)'
_entity_poly.pdbx_seq_one_letter_code
;IQGNICSEPKKVGRCRGSFPRFYFDSETGKCTPFIYGGCGGNGNNFETLHACRAICRA
;
_entity_poly.pdbx_strand_id   A
#
# COMPACT_ATOMS: atom_id res chain seq x y z
N ILE A 1 11.09 -12.17 2.93
CA ILE A 1 10.79 -11.07 3.84
C ILE A 1 9.56 -10.29 3.38
N GLN A 2 8.74 -9.87 4.34
CA GLN A 2 7.53 -9.11 4.03
C GLN A 2 7.61 -7.71 4.62
N GLY A 3 8.23 -7.60 5.79
CA GLY A 3 8.35 -6.30 6.43
C GLY A 3 8.95 -5.25 5.51
N ASN A 4 9.75 -5.69 4.55
CA ASN A 4 10.38 -4.77 3.61
C ASN A 4 9.34 -3.83 2.99
N ILE A 5 8.51 -4.37 2.10
CA ILE A 5 7.47 -3.58 1.45
C ILE A 5 6.56 -2.91 2.47
N CYS A 6 6.29 -3.61 3.57
CA CYS A 6 5.44 -3.09 4.63
C CYS A 6 6.22 -2.13 5.53
N SER A 7 6.72 -1.05 4.94
CA SER A 7 7.48 -0.05 5.69
C SER A 7 7.27 1.34 5.11
N GLU A 8 7.24 1.42 3.77
CA GLU A 8 7.06 2.70 3.10
C GLU A 8 5.62 3.18 3.24
N PRO A 9 5.47 4.47 3.58
CA PRO A 9 4.15 5.11 3.69
C PRO A 9 3.47 5.29 2.35
N LYS A 10 2.14 5.26 2.35
CA LYS A 10 1.37 5.41 1.12
C LYS A 10 1.66 6.76 0.46
N LYS A 11 1.31 6.86 -0.82
CA LYS A 11 1.53 8.09 -1.57
C LYS A 11 0.41 8.33 -2.57
N VAL A 12 0.45 9.48 -3.23
CA VAL A 12 -0.57 9.84 -4.22
C VAL A 12 -0.08 9.57 -5.64
N GLY A 13 1.08 10.13 -5.97
CA GLY A 13 1.64 9.95 -7.29
C GLY A 13 1.00 10.86 -8.33
N ARG A 14 1.79 11.80 -8.86
CA ARG A 14 1.29 12.74 -9.85
C ARG A 14 1.60 12.23 -11.27
N CYS A 15 1.52 10.92 -11.45
CA CYS A 15 1.78 10.32 -12.76
C CYS A 15 0.48 10.04 -13.50
N ARG A 16 0.56 9.19 -14.53
CA ARG A 16 -0.61 8.85 -15.32
C ARG A 16 -1.36 7.67 -14.70
N GLY A 17 -2.10 7.94 -13.64
CA GLY A 17 -2.85 6.90 -12.96
C GLY A 17 -3.68 7.42 -11.80
N SER A 18 -4.93 6.99 -11.73
CA SER A 18 -5.83 7.43 -10.66
C SER A 18 -6.86 6.36 -10.34
N PHE A 19 -6.53 5.49 -9.40
CA PHE A 19 -7.43 4.41 -9.00
C PHE A 19 -7.29 4.09 -7.51
N PRO A 20 -8.30 3.43 -6.95
CA PRO A 20 -8.28 3.00 -5.55
C PRO A 20 -7.28 1.87 -5.31
N ARG A 21 -6.62 1.90 -4.16
CA ARG A 21 -5.64 0.88 -3.81
C ARG A 21 -5.62 0.64 -2.30
N PHE A 22 -4.65 -0.15 -1.85
CA PHE A 22 -4.52 -0.46 -0.43
C PHE A 22 -3.05 -0.44 0.00
N TYR A 23 -2.82 -0.10 1.27
CA TYR A 23 -1.47 -0.04 1.81
C TYR A 23 -1.46 -0.34 3.31
N PHE A 24 -0.28 -0.63 3.83
CA PHE A 24 -0.13 -0.94 5.26
C PHE A 24 0.38 0.27 6.02
N ASP A 25 -0.38 0.71 7.02
CA ASP A 25 0.00 1.85 7.84
C ASP A 25 0.79 1.41 9.06
N SER A 26 2.01 1.90 9.18
CA SER A 26 2.87 1.56 10.30
C SER A 26 2.53 2.40 11.53
N GLU A 27 1.51 3.24 11.40
CA GLU A 27 1.07 4.10 12.50
C GLU A 27 0.03 3.39 13.36
N THR A 28 -0.81 2.58 12.72
CA THR A 28 -1.86 1.85 13.41
C THR A 28 -1.70 0.35 13.24
N GLY A 29 -1.22 -0.05 12.06
CA GLY A 29 -1.03 -1.47 11.79
C GLY A 29 -2.21 -2.09 11.06
N LYS A 30 -2.95 -1.25 10.32
CA LYS A 30 -4.11 -1.73 9.57
C LYS A 30 -4.01 -1.31 8.11
N CYS A 31 -4.67 -2.08 7.24
CA CYS A 31 -4.65 -1.79 5.81
C CYS A 31 -5.67 -0.71 5.46
N THR A 32 -5.18 0.42 4.98
CA THR A 32 -6.05 1.54 4.61
C THR A 32 -6.13 1.70 3.10
N PRO A 33 -7.36 1.72 2.58
CA PRO A 33 -7.61 1.93 1.15
C PRO A 33 -7.28 3.35 0.70
N PHE A 34 -6.09 3.52 0.11
CA PHE A 34 -5.66 4.83 -0.36
C PHE A 34 -5.78 4.92 -1.88
N ILE A 35 -5.24 6.00 -2.44
CA ILE A 35 -5.29 6.22 -3.89
C ILE A 35 -3.91 6.08 -4.50
N TYR A 36 -3.82 5.29 -5.56
CA TYR A 36 -2.55 5.08 -6.25
C TYR A 36 -2.46 5.93 -7.51
N GLY A 37 -1.31 6.57 -7.71
CA GLY A 37 -1.12 7.41 -8.87
C GLY A 37 -0.77 6.61 -10.11
N GLY A 38 -0.77 5.29 -9.98
CA GLY A 38 -0.44 4.44 -11.10
C GLY A 38 1.03 4.06 -11.14
N CYS A 39 1.89 5.07 -11.13
CA CYS A 39 3.32 4.85 -11.18
C CYS A 39 3.83 4.23 -9.87
N GLY A 40 4.77 3.31 -9.98
CA GLY A 40 5.32 2.66 -8.80
C GLY A 40 5.77 3.65 -7.75
N GLY A 41 4.98 3.80 -6.70
CA GLY A 41 5.31 4.73 -5.63
C GLY A 41 6.58 4.33 -4.89
N ASN A 42 6.42 3.86 -3.66
CA ASN A 42 7.55 3.45 -2.84
C ASN A 42 7.72 1.93 -2.88
N GLY A 43 6.67 1.22 -2.50
CA GLY A 43 6.72 -0.23 -2.50
C GLY A 43 5.59 -0.85 -1.70
N ASN A 44 5.03 -0.09 -0.77
CA ASN A 44 3.95 -0.57 0.06
C ASN A 44 2.60 -0.38 -0.64
N ASN A 45 2.25 -1.32 -1.51
CA ASN A 45 0.99 -1.26 -2.23
C ASN A 45 0.35 -2.64 -2.34
N PHE A 46 -0.97 -2.66 -2.40
CA PHE A 46 -1.71 -3.92 -2.50
C PHE A 46 -3.00 -3.74 -3.31
N GLU A 47 -3.38 -4.78 -4.04
CA GLU A 47 -4.59 -4.74 -4.86
C GLU A 47 -5.84 -4.89 -4.00
N THR A 48 -5.75 -5.75 -2.99
CA THR A 48 -6.88 -6.00 -2.10
C THR A 48 -6.48 -5.81 -0.65
N LEU A 49 -7.43 -5.46 0.21
CA LEU A 49 -7.18 -5.27 1.63
C LEU A 49 -6.78 -6.58 2.29
N HIS A 50 -7.47 -7.65 1.93
CA HIS A 50 -7.18 -8.97 2.50
C HIS A 50 -5.70 -9.32 2.34
N ALA A 51 -5.25 -9.37 1.09
CA ALA A 51 -3.86 -9.70 0.80
C ALA A 51 -2.92 -8.85 1.64
N CYS A 52 -3.18 -7.55 1.69
CA CYS A 52 -2.35 -6.64 2.46
C CYS A 52 -2.15 -7.13 3.88
N ARG A 53 -3.21 -7.72 4.44
CA ARG A 53 -3.15 -8.25 5.81
C ARG A 53 -2.49 -9.61 5.84
N ALA A 54 -2.73 -10.40 4.79
CA ALA A 54 -2.15 -11.74 4.70
C ALA A 54 -0.72 -11.68 4.18
N ILE A 55 -0.21 -10.47 4.00
CA ILE A 55 1.15 -10.29 3.50
C ILE A 55 1.99 -9.50 4.50
N CYS A 56 1.35 -8.58 5.21
CA CYS A 56 2.05 -7.77 6.21
C CYS A 56 1.92 -8.39 7.59
N ARG A 57 0.71 -8.75 7.97
CA ARG A 57 0.45 -9.36 9.28
C ARG A 57 0.57 -10.88 9.20
N ALA A 58 -0.39 -11.52 8.54
CA ALA A 58 -0.38 -12.96 8.40
C ALA A 58 0.64 -13.42 7.35
N ILE A 1 10.27 -11.66 0.74
CA ILE A 1 10.36 -10.76 1.87
C ILE A 1 9.11 -9.89 1.99
N GLN A 2 8.69 -9.63 3.22
CA GLN A 2 7.50 -8.81 3.46
C GLN A 2 7.87 -7.51 4.16
N GLY A 3 8.99 -7.54 4.89
CA GLY A 3 9.44 -6.35 5.60
C GLY A 3 9.64 -5.16 4.69
N ASN A 4 10.40 -5.36 3.62
CA ASN A 4 10.67 -4.29 2.66
C ASN A 4 9.37 -3.69 2.14
N ILE A 5 8.35 -4.53 2.00
CA ILE A 5 7.05 -4.08 1.50
C ILE A 5 6.37 -3.16 2.51
N CYS A 6 5.97 -3.73 3.64
CA CYS A 6 5.30 -2.96 4.69
C CYS A 6 6.32 -2.16 5.50
N SER A 7 7.03 -1.26 4.83
CA SER A 7 8.03 -0.43 5.48
C SER A 7 7.77 1.05 5.22
N GLU A 8 7.39 1.37 3.99
CA GLU A 8 7.11 2.75 3.61
C GLU A 8 5.61 3.03 3.64
N PRO A 9 5.25 4.28 3.94
CA PRO A 9 3.85 4.73 3.95
C PRO A 9 3.25 4.78 2.55
N LYS A 10 1.98 5.16 2.47
CA LYS A 10 1.29 5.25 1.19
C LYS A 10 1.69 6.53 0.46
N LYS A 11 1.66 6.48 -0.88
CA LYS A 11 2.01 7.63 -1.69
C LYS A 11 1.21 7.64 -3.00
N VAL A 12 0.38 8.66 -3.18
CA VAL A 12 -0.43 8.78 -4.38
C VAL A 12 0.43 9.12 -5.59
N GLY A 13 0.96 10.34 -5.59
CA GLY A 13 1.81 10.77 -6.69
C GLY A 13 1.00 11.34 -7.85
N ARG A 14 1.61 12.27 -8.58
CA ARG A 14 0.93 12.91 -9.72
C ARG A 14 1.38 12.27 -11.03
N CYS A 15 1.41 10.95 -11.06
CA CYS A 15 1.82 10.22 -12.26
C CYS A 15 0.62 9.95 -13.16
N ARG A 16 0.80 9.05 -14.13
CA ARG A 16 -0.26 8.70 -15.06
C ARG A 16 -1.12 7.56 -14.50
N GLY A 17 -1.92 7.88 -13.48
CA GLY A 17 -2.78 6.88 -12.88
C GLY A 17 -3.68 7.46 -11.80
N SER A 18 -4.91 6.99 -11.74
CA SER A 18 -5.88 7.46 -10.76
C SER A 18 -6.89 6.38 -10.41
N PHE A 19 -6.50 5.50 -9.50
CA PHE A 19 -7.38 4.41 -9.07
C PHE A 19 -7.17 4.08 -7.59
N PRO A 20 -8.18 3.45 -6.98
CA PRO A 20 -8.12 3.02 -5.58
C PRO A 20 -7.13 1.87 -5.36
N ARG A 21 -6.53 1.82 -4.18
CA ARG A 21 -5.58 0.76 -3.87
C ARG A 21 -5.62 0.44 -2.37
N PHE A 22 -4.62 -0.32 -1.91
CA PHE A 22 -4.55 -0.71 -0.52
C PHE A 22 -3.10 -0.67 -0.01
N TYR A 23 -2.92 -0.16 1.19
CA TYR A 23 -1.60 -0.07 1.79
C TYR A 23 -1.65 -0.29 3.30
N PHE A 24 -0.50 -0.58 3.89
CA PHE A 24 -0.40 -0.82 5.32
C PHE A 24 0.09 0.43 6.06
N ASP A 25 -0.69 0.89 7.01
CA ASP A 25 -0.32 2.08 7.79
C ASP A 25 0.47 1.68 9.03
N SER A 26 1.69 2.19 9.13
CA SER A 26 2.56 1.88 10.26
C SER A 26 2.21 2.76 11.47
N GLU A 27 1.18 3.59 11.30
CA GLU A 27 0.75 4.48 12.36
C GLU A 27 -0.30 3.81 13.25
N THR A 28 -1.10 2.93 12.66
CA THR A 28 -2.14 2.22 13.39
C THR A 28 -1.92 0.72 13.31
N GLY A 29 -1.44 0.25 12.16
CA GLY A 29 -1.21 -1.18 11.97
C GLY A 29 -2.36 -1.87 11.27
N LYS A 30 -3.04 -1.14 10.39
CA LYS A 30 -4.17 -1.69 9.65
C LYS A 30 -4.13 -1.25 8.19
N CYS A 31 -4.61 -2.10 7.30
CA CYS A 31 -4.63 -1.79 5.87
C CYS A 31 -5.65 -0.70 5.57
N THR A 32 -5.17 0.39 4.98
CA THR A 32 -6.04 1.51 4.63
C THR A 32 -6.06 1.75 3.13
N PRO A 33 -7.27 1.77 2.55
CA PRO A 33 -7.46 2.06 1.12
C PRO A 33 -7.15 3.51 0.77
N PHE A 34 -6.37 3.70 -0.29
CA PHE A 34 -6.01 5.04 -0.73
C PHE A 34 -6.04 5.15 -2.25
N ILE A 35 -5.51 6.25 -2.77
CA ILE A 35 -5.49 6.47 -4.21
C ILE A 35 -4.07 6.34 -4.76
N TYR A 36 -3.92 5.48 -5.77
CA TYR A 36 -2.61 5.25 -6.37
C TYR A 36 -2.46 6.08 -7.65
N GLY A 37 -1.27 6.64 -7.84
CA GLY A 37 -1.02 7.45 -9.01
C GLY A 37 -0.64 6.62 -10.22
N GLY A 38 -0.72 5.30 -10.08
CA GLY A 38 -0.37 4.42 -11.17
C GLY A 38 1.10 4.04 -11.18
N CYS A 39 1.96 5.03 -10.98
CA CYS A 39 3.40 4.80 -10.97
C CYS A 39 3.81 4.01 -9.73
N GLY A 40 4.94 3.31 -9.82
CA GLY A 40 5.42 2.52 -8.70
C GLY A 40 5.92 3.38 -7.56
N GLY A 41 5.00 3.85 -6.72
CA GLY A 41 5.37 4.69 -5.60
C GLY A 41 6.23 3.95 -4.58
N ASN A 42 5.66 3.69 -3.41
CA ASN A 42 6.38 2.99 -2.36
C ASN A 42 6.19 1.48 -2.47
N GLY A 43 7.11 0.72 -1.90
CA GLY A 43 7.03 -0.72 -1.95
C GLY A 43 5.82 -1.26 -1.21
N ASN A 44 5.20 -0.40 -0.40
CA ASN A 44 4.02 -0.79 0.37
C ASN A 44 2.75 -0.59 -0.44
N ASN A 45 2.45 -1.55 -1.31
CA ASN A 45 1.26 -1.47 -2.14
C ASN A 45 0.58 -2.84 -2.25
N PHE A 46 -0.75 -2.84 -2.34
CA PHE A 46 -1.51 -4.07 -2.45
C PHE A 46 -2.76 -3.87 -3.30
N GLU A 47 -3.17 -4.91 -4.01
CA GLU A 47 -4.35 -4.84 -4.86
C GLU A 47 -5.62 -5.03 -4.03
N THR A 48 -5.54 -5.85 -2.99
CA THR A 48 -6.67 -6.10 -2.12
C THR A 48 -6.31 -5.91 -0.66
N LEU A 49 -7.27 -5.47 0.14
CA LEU A 49 -7.05 -5.25 1.57
C LEU A 49 -6.68 -6.56 2.27
N HIS A 50 -7.27 -7.65 1.80
CA HIS A 50 -7.01 -8.97 2.38
C HIS A 50 -5.52 -9.31 2.30
N ALA A 51 -5.01 -9.44 1.09
CA ALA A 51 -3.61 -9.76 0.87
C ALA A 51 -2.71 -8.86 1.72
N CYS A 52 -3.07 -7.59 1.81
CA CYS A 52 -2.29 -6.62 2.58
C CYS A 52 -2.14 -7.09 4.03
N ARG A 53 -3.21 -7.64 4.58
CA ARG A 53 -3.19 -8.12 5.96
C ARG A 53 -2.53 -9.49 6.05
N ALA A 54 -2.73 -10.31 5.01
CA ALA A 54 -2.14 -11.64 4.97
C ALA A 54 -0.68 -11.60 4.55
N ILE A 55 -0.18 -10.39 4.29
CA ILE A 55 1.20 -10.21 3.88
C ILE A 55 1.98 -9.38 4.91
N CYS A 56 1.28 -8.45 5.55
CA CYS A 56 1.91 -7.60 6.56
C CYS A 56 1.80 -8.24 7.94
N ARG A 57 0.58 -8.59 8.33
CA ARG A 57 0.34 -9.21 9.63
C ARG A 57 0.46 -10.72 9.55
N ALA A 58 -0.46 -11.35 8.81
CA ALA A 58 -0.46 -12.80 8.65
C ALA A 58 0.46 -13.22 7.51
N ILE A 1 10.46 -11.59 5.35
CA ILE A 1 10.67 -10.58 4.34
C ILE A 1 9.36 -9.88 3.97
N GLN A 2 8.48 -9.73 4.95
CA GLN A 2 7.19 -9.09 4.73
C GLN A 2 7.21 -7.64 5.22
N GLY A 3 7.89 -7.41 6.34
CA GLY A 3 7.97 -6.07 6.90
C GLY A 3 8.59 -5.08 5.93
N ASN A 4 9.38 -5.59 4.99
CA ASN A 4 10.04 -4.74 3.99
C ASN A 4 9.03 -3.81 3.33
N ILE A 5 8.22 -4.36 2.44
CA ILE A 5 7.22 -3.58 1.73
C ILE A 5 6.22 -2.95 2.71
N CYS A 6 5.89 -3.69 3.76
CA CYS A 6 4.95 -3.20 4.77
C CYS A 6 5.65 -2.27 5.76
N SER A 7 6.23 -1.19 5.24
CA SER A 7 6.93 -0.23 6.07
C SER A 7 6.85 1.17 5.47
N GLU A 8 6.95 1.24 4.14
CA GLU A 8 6.90 2.51 3.44
C GLU A 8 5.51 3.12 3.52
N PRO A 9 5.45 4.44 3.74
CA PRO A 9 4.19 5.19 3.79
C PRO A 9 3.52 5.29 2.41
N LYS A 10 2.20 5.29 2.39
CA LYS A 10 1.44 5.39 1.15
C LYS A 10 1.88 6.60 0.34
N LYS A 11 1.79 6.49 -0.98
CA LYS A 11 2.18 7.57 -1.88
C LYS A 11 1.36 7.54 -3.16
N VAL A 12 0.73 8.67 -3.48
CA VAL A 12 -0.08 8.76 -4.69
C VAL A 12 0.78 9.08 -5.91
N GLY A 13 1.40 10.25 -5.90
CA GLY A 13 2.24 10.66 -7.01
C GLY A 13 1.44 11.09 -8.22
N ARG A 14 1.90 12.16 -8.87
CA ARG A 14 1.21 12.68 -10.05
C ARG A 14 1.71 11.98 -11.32
N CYS A 15 0.95 10.98 -11.76
CA CYS A 15 1.30 10.23 -12.96
C CYS A 15 0.05 9.87 -13.77
N ARG A 16 0.22 8.96 -14.72
CA ARG A 16 -0.90 8.54 -15.56
C ARG A 16 -1.65 7.37 -14.92
N GLY A 17 -2.41 7.66 -13.87
CA GLY A 17 -3.16 6.62 -13.19
C GLY A 17 -3.87 7.15 -11.96
N SER A 18 -5.13 6.74 -11.79
CA SER A 18 -5.92 7.17 -10.65
C SER A 18 -6.95 6.12 -10.27
N PHE A 19 -6.62 5.31 -9.27
CA PHE A 19 -7.52 4.25 -8.82
C PHE A 19 -7.32 3.98 -7.33
N PRO A 20 -8.35 3.39 -6.69
CA PRO A 20 -8.29 3.01 -5.27
C PRO A 20 -7.34 1.84 -5.03
N ARG A 21 -6.39 2.03 -4.12
CA ARG A 21 -5.42 1.00 -3.79
C ARG A 21 -5.40 0.73 -2.29
N PHE A 22 -4.44 -0.08 -1.86
CA PHE A 22 -4.32 -0.43 -0.45
C PHE A 22 -2.85 -0.38 -0.01
N TYR A 23 -2.63 -0.04 1.26
CA TYR A 23 -1.28 0.05 1.81
C TYR A 23 -1.28 -0.23 3.30
N PHE A 24 -0.09 -0.50 3.85
CA PHE A 24 0.04 -0.79 5.27
C PHE A 24 0.53 0.45 6.03
N ASP A 25 -0.25 0.88 7.00
CA ASP A 25 0.10 2.05 7.81
C ASP A 25 0.93 1.64 9.02
N SER A 26 2.13 2.20 9.14
CA SER A 26 3.02 1.90 10.25
C SER A 26 2.64 2.70 11.49
N GLU A 27 1.57 3.48 11.38
CA GLU A 27 1.10 4.29 12.49
C GLU A 27 0.10 3.52 13.34
N THR A 28 -0.69 2.67 12.70
CA THR A 28 -1.69 1.87 13.40
C THR A 28 -1.42 0.38 13.22
N GLY A 29 -0.86 0.01 12.08
CA GLY A 29 -0.56 -1.38 11.81
C GLY A 29 -1.70 -2.10 11.12
N LYS A 30 -2.47 -1.36 10.32
CA LYS A 30 -3.61 -1.94 9.61
C LYS A 30 -3.63 -1.45 8.15
N CYS A 31 -4.14 -2.29 7.26
CA CYS A 31 -4.24 -1.94 5.85
C CYS A 31 -5.30 -0.87 5.62
N THR A 32 -4.88 0.25 5.05
CA THR A 32 -5.80 1.35 4.77
C THR A 32 -5.84 1.68 3.28
N PRO A 33 -7.05 1.83 2.73
CA PRO A 33 -7.24 2.21 1.33
C PRO A 33 -6.83 3.66 1.06
N PHE A 34 -6.31 3.90 -0.14
CA PHE A 34 -5.87 5.24 -0.53
C PHE A 34 -5.95 5.42 -2.05
N ILE A 35 -5.45 6.54 -2.53
CA ILE A 35 -5.46 6.84 -3.95
C ILE A 35 -4.08 6.63 -4.57
N TYR A 36 -4.01 5.79 -5.59
CA TYR A 36 -2.75 5.49 -6.26
C TYR A 36 -2.65 6.28 -7.57
N GLY A 37 -1.47 6.84 -7.81
CA GLY A 37 -1.26 7.60 -9.03
C GLY A 37 -0.93 6.73 -10.22
N GLY A 38 -0.98 5.42 -10.02
CA GLY A 38 -0.69 4.49 -11.10
C GLY A 38 0.78 4.14 -11.17
N CYS A 39 1.64 5.14 -11.03
CA CYS A 39 3.08 4.93 -11.09
C CYS A 39 3.60 4.35 -9.79
N GLY A 40 4.49 3.37 -9.89
CA GLY A 40 5.05 2.74 -8.70
C GLY A 40 5.61 3.76 -7.72
N GLY A 41 4.87 4.02 -6.66
CA GLY A 41 5.31 4.97 -5.66
C GLY A 41 6.53 4.50 -4.90
N ASN A 42 6.34 4.13 -3.63
CA ASN A 42 7.44 3.66 -2.80
C ASN A 42 7.60 2.15 -2.92
N GLY A 43 6.53 1.41 -2.65
CA GLY A 43 6.57 -0.03 -2.74
C GLY A 43 5.50 -0.70 -1.91
N ASN A 44 4.98 0.03 -0.92
CA ASN A 44 3.94 -0.50 -0.05
C ASN A 44 2.55 -0.32 -0.66
N ASN A 45 2.20 -1.21 -1.58
CA ASN A 45 0.91 -1.14 -2.24
C ASN A 45 0.31 -2.54 -2.41
N PHE A 46 -1.02 -2.60 -2.46
CA PHE A 46 -1.72 -3.87 -2.61
C PHE A 46 -3.00 -3.70 -3.43
N GLU A 47 -3.46 -4.78 -4.05
CA GLU A 47 -4.67 -4.75 -4.86
C GLU A 47 -5.91 -4.80 -3.98
N THR A 48 -5.81 -5.52 -2.86
CA THR A 48 -6.93 -5.66 -1.94
C THR A 48 -6.43 -5.65 -0.48
N LEU A 49 -7.32 -5.23 0.42
CA LEU A 49 -6.98 -5.17 1.84
C LEU A 49 -6.61 -6.56 2.36
N HIS A 50 -7.27 -7.58 1.83
CA HIS A 50 -7.02 -8.96 2.25
C HIS A 50 -5.56 -9.33 1.99
N ALA A 51 -5.17 -9.33 0.73
CA ALA A 51 -3.80 -9.68 0.35
C ALA A 51 -2.79 -8.92 1.20
N CYS A 52 -3.08 -7.65 1.47
CA CYS A 52 -2.19 -6.81 2.27
C CYS A 52 -1.93 -7.45 3.63
N ARG A 53 -2.98 -7.99 4.23
CA ARG A 53 -2.87 -8.63 5.54
C ARG A 53 -2.09 -9.94 5.44
N ALA A 54 -2.47 -10.77 4.47
CA ALA A 54 -1.80 -12.05 4.27
C ALA A 54 -0.33 -11.86 3.90
N ILE A 55 -0.02 -10.70 3.34
CA ILE A 55 1.36 -10.40 2.95
C ILE A 55 2.09 -9.68 4.07
N CYS A 56 1.35 -8.95 4.90
CA CYS A 56 1.93 -8.20 6.00
C CYS A 56 1.98 -9.07 7.26
N ARG A 57 0.81 -9.29 7.86
CA ARG A 57 0.72 -10.10 9.07
C ARG A 57 0.54 -11.58 8.73
N ALA A 58 -0.65 -11.93 8.27
CA ALA A 58 -0.96 -13.31 7.90
C ALA A 58 -0.20 -13.72 6.65
N ILE A 1 9.56 -12.16 3.11
CA ILE A 1 9.38 -11.00 2.23
C ILE A 1 8.08 -10.29 2.53
N GLN A 2 7.96 -9.74 3.74
CA GLN A 2 6.76 -9.02 4.14
C GLN A 2 7.10 -7.65 4.70
N GLY A 3 7.92 -7.63 5.74
CA GLY A 3 8.33 -6.37 6.35
C GLY A 3 8.95 -5.43 5.35
N ASN A 4 9.61 -5.97 4.34
CA ASN A 4 10.25 -5.16 3.31
C ASN A 4 9.30 -4.12 2.75
N ILE A 5 8.36 -4.58 1.92
CA ILE A 5 7.38 -3.68 1.31
C ILE A 5 6.70 -2.81 2.37
N CYS A 6 6.40 -3.41 3.51
CA CYS A 6 5.75 -2.69 4.60
C CYS A 6 6.77 -1.88 5.40
N SER A 7 7.48 -0.99 4.71
CA SER A 7 8.49 -0.15 5.36
C SER A 7 8.26 1.32 5.02
N GLU A 8 7.81 1.58 3.80
CA GLU A 8 7.55 2.95 3.36
C GLU A 8 6.07 3.28 3.42
N PRO A 9 5.75 4.54 3.73
CA PRO A 9 4.38 5.03 3.77
C PRO A 9 3.74 5.10 2.38
N LYS A 10 2.42 5.26 2.34
CA LYS A 10 1.70 5.34 1.08
C LYS A 10 2.05 6.63 0.33
N LYS A 11 1.99 6.58 -1.00
CA LYS A 11 2.31 7.73 -1.82
C LYS A 11 1.43 7.76 -3.07
N VAL A 12 0.43 8.63 -3.07
CA VAL A 12 -0.47 8.76 -4.20
C VAL A 12 0.22 9.40 -5.40
N GLY A 13 1.04 10.41 -5.12
CA GLY A 13 1.76 11.09 -6.18
C GLY A 13 0.83 11.75 -7.18
N ARG A 14 1.15 11.62 -8.46
CA ARG A 14 0.34 12.21 -9.52
C ARG A 14 0.87 11.82 -10.89
N CYS A 15 0.20 10.89 -11.54
CA CYS A 15 0.61 10.43 -12.87
C CYS A 15 -0.62 10.11 -13.73
N ARG A 16 -0.37 9.47 -14.87
CA ARG A 16 -1.45 9.10 -15.79
C ARG A 16 -2.02 7.73 -15.42
N GLY A 17 -2.82 7.70 -14.36
CA GLY A 17 -3.42 6.45 -13.93
C GLY A 17 -3.66 6.41 -12.43
N SER A 18 -4.70 7.11 -11.98
CA SER A 18 -5.03 7.16 -10.57
C SER A 18 -6.20 6.22 -10.26
N PHE A 19 -5.98 5.30 -9.32
CA PHE A 19 -7.01 4.35 -8.93
C PHE A 19 -6.90 4.00 -7.45
N PRO A 20 -7.97 3.41 -6.90
CA PRO A 20 -7.98 2.95 -5.50
C PRO A 20 -7.07 1.77 -5.27
N ARG A 21 -6.30 1.83 -4.18
CA ARG A 21 -5.37 0.75 -3.84
C ARG A 21 -5.41 0.46 -2.34
N PHE A 22 -4.44 -0.31 -1.87
CA PHE A 22 -4.36 -0.67 -0.46
C PHE A 22 -2.92 -0.62 0.04
N TYR A 23 -2.72 -0.05 1.23
CA TYR A 23 -1.40 0.07 1.82
C TYR A 23 -1.42 -0.26 3.30
N PHE A 24 -0.26 -0.54 3.87
CA PHE A 24 -0.14 -0.88 5.28
C PHE A 24 0.25 0.35 6.09
N ASP A 25 -0.58 0.72 7.07
CA ASP A 25 -0.31 1.87 7.91
C ASP A 25 0.46 1.46 9.16
N SER A 26 1.68 1.95 9.29
CA SER A 26 2.53 1.63 10.43
C SER A 26 2.16 2.50 11.63
N GLU A 27 1.13 3.31 11.48
CA GLU A 27 0.68 4.21 12.55
C GLU A 27 -0.35 3.51 13.43
N THR A 28 -1.17 2.67 12.82
CA THR A 28 -2.21 1.94 13.56
C THR A 28 -1.99 0.44 13.46
N GLY A 29 -1.48 0.00 12.31
CA GLY A 29 -1.24 -1.43 12.11
C GLY A 29 -2.35 -2.09 11.32
N LYS A 30 -3.02 -1.32 10.47
CA LYS A 30 -4.11 -1.84 9.66
C LYS A 30 -4.02 -1.33 8.22
N CYS A 31 -4.50 -2.13 7.28
CA CYS A 31 -4.47 -1.76 5.87
C CYS A 31 -5.54 -0.71 5.56
N THR A 32 -5.11 0.41 5.00
CA THR A 32 -6.02 1.49 4.65
C THR A 32 -6.02 1.75 3.15
N PRO A 33 -7.22 1.89 2.56
CA PRO A 33 -7.37 2.21 1.14
C PRO A 33 -6.95 3.64 0.82
N PHE A 34 -6.28 3.82 -0.32
CA PHE A 34 -5.82 5.14 -0.73
C PHE A 34 -5.70 5.22 -2.25
N ILE A 35 -5.39 6.41 -2.75
CA ILE A 35 -5.25 6.62 -4.19
C ILE A 35 -3.82 6.38 -4.65
N TYR A 36 -3.65 5.51 -5.63
CA TYR A 36 -2.34 5.19 -6.16
C TYR A 36 -2.08 5.92 -7.48
N GLY A 37 -0.94 6.59 -7.57
CA GLY A 37 -0.61 7.33 -8.78
C GLY A 37 -0.58 6.44 -10.01
N GLY A 38 -0.36 5.14 -9.79
CA GLY A 38 -0.31 4.21 -10.90
C GLY A 38 1.09 4.07 -11.48
N CYS A 39 1.79 5.19 -11.59
CA CYS A 39 3.14 5.19 -12.13
C CYS A 39 4.11 4.47 -11.20
N GLY A 40 3.86 4.58 -9.90
CA GLY A 40 4.72 3.94 -8.92
C GLY A 40 4.73 4.67 -7.59
N GLY A 41 5.04 3.94 -6.52
CA GLY A 41 5.07 4.54 -5.20
C GLY A 41 6.42 4.37 -4.53
N ASN A 42 6.44 3.59 -3.45
CA ASN A 42 7.67 3.35 -2.70
C ASN A 42 7.92 1.86 -2.54
N GLY A 43 6.84 1.11 -2.32
CA GLY A 43 6.97 -0.33 -2.14
C GLY A 43 5.83 -0.92 -1.34
N ASN A 44 5.22 -0.09 -0.48
CA ASN A 44 4.11 -0.54 0.35
C ASN A 44 2.78 -0.38 -0.39
N ASN A 45 2.48 -1.33 -1.26
CA ASN A 45 1.24 -1.29 -2.03
C ASN A 45 0.63 -2.69 -2.14
N PHE A 46 -0.69 -2.73 -2.35
CA PHE A 46 -1.39 -4.00 -2.47
C PHE A 46 -2.61 -3.86 -3.38
N GLU A 47 -2.91 -4.91 -4.13
CA GLU A 47 -4.05 -4.91 -5.04
C GLU A 47 -5.35 -5.14 -4.29
N THR A 48 -5.25 -5.80 -3.14
CA THR A 48 -6.42 -6.09 -2.32
C THR A 48 -6.13 -5.89 -0.84
N LEU A 49 -7.16 -5.50 -0.09
CA LEU A 49 -7.01 -5.27 1.34
C LEU A 49 -6.65 -6.56 2.07
N HIS A 50 -7.33 -7.64 1.70
CA HIS A 50 -7.09 -8.94 2.33
C HIS A 50 -5.61 -9.30 2.25
N ALA A 51 -5.07 -9.36 1.04
CA ALA A 51 -3.67 -9.70 0.83
C ALA A 51 -2.77 -8.88 1.75
N CYS A 52 -2.97 -7.57 1.75
CA CYS A 52 -2.18 -6.66 2.57
C CYS A 52 -2.07 -7.20 4.01
N ARG A 53 -3.18 -7.72 4.51
CA ARG A 53 -3.22 -8.26 5.87
C ARG A 53 -2.64 -9.66 5.91
N ALA A 54 -2.87 -10.42 4.84
CA ALA A 54 -2.37 -11.78 4.75
C ALA A 54 -0.92 -11.82 4.28
N ILE A 55 -0.29 -10.65 4.24
CA ILE A 55 1.10 -10.54 3.81
C ILE A 55 1.97 -9.98 4.92
N CYS A 56 1.53 -8.86 5.51
CA CYS A 56 2.28 -8.22 6.59
C CYS A 56 1.70 -8.60 7.95
N ARG A 57 0.38 -8.72 8.00
CA ARG A 57 -0.31 -9.09 9.24
C ARG A 57 -0.42 -10.60 9.38
N ALA A 58 -0.13 -11.31 8.30
CA ALA A 58 -0.20 -12.77 8.30
C ALA A 58 0.92 -13.37 9.17
N ILE A 1 9.57 -11.63 6.35
CA ILE A 1 9.53 -11.26 4.94
C ILE A 1 8.32 -10.37 4.64
N GLN A 2 7.99 -9.50 5.58
CA GLN A 2 6.85 -8.60 5.43
C GLN A 2 7.29 -7.14 5.52
N GLY A 3 8.22 -6.87 6.44
CA GLY A 3 8.70 -5.51 6.61
C GLY A 3 9.33 -4.96 5.34
N ASN A 4 9.70 -5.84 4.42
CA ASN A 4 10.31 -5.43 3.17
C ASN A 4 9.50 -4.32 2.51
N ILE A 5 8.37 -4.69 1.92
CA ILE A 5 7.50 -3.73 1.26
C ILE A 5 6.65 -2.96 2.27
N CYS A 6 6.27 -3.63 3.35
CA CYS A 6 5.46 -3.01 4.39
C CYS A 6 6.32 -2.12 5.29
N SER A 7 6.95 -1.12 4.69
CA SER A 7 7.80 -0.20 5.43
C SER A 7 7.61 1.24 4.93
N GLU A 8 7.39 1.39 3.64
CA GLU A 8 7.18 2.70 3.04
C GLU A 8 5.74 3.15 3.18
N PRO A 9 5.55 4.44 3.49
CA PRO A 9 4.22 5.04 3.61
C PRO A 9 3.52 5.16 2.25
N LYS A 10 2.23 5.49 2.28
CA LYS A 10 1.46 5.64 1.05
C LYS A 10 1.70 7.01 0.42
N LYS A 11 1.42 7.11 -0.88
CA LYS A 11 1.61 8.36 -1.60
C LYS A 11 0.62 8.47 -2.76
N VAL A 12 0.14 9.68 -3.01
CA VAL A 12 -0.81 9.91 -4.09
C VAL A 12 -0.15 9.74 -5.45
N GLY A 13 1.10 10.17 -5.55
CA GLY A 13 1.83 10.06 -6.80
C GLY A 13 1.25 10.95 -7.88
N ARG A 14 2.12 11.73 -8.54
CA ARG A 14 1.69 12.63 -9.60
C ARG A 14 1.97 12.02 -10.97
N CYS A 15 1.69 10.73 -11.11
CA CYS A 15 1.91 10.03 -12.37
C CYS A 15 0.61 9.88 -13.15
N ARG A 16 0.63 9.02 -14.16
CA ARG A 16 -0.55 8.78 -14.98
C ARG A 16 -1.43 7.68 -14.37
N GLY A 17 -2.18 8.05 -13.33
CA GLY A 17 -3.05 7.08 -12.68
C GLY A 17 -3.81 7.69 -11.52
N SER A 18 -5.09 7.32 -11.40
CA SER A 18 -5.93 7.84 -10.32
C SER A 18 -7.00 6.82 -9.95
N PHE A 19 -6.64 5.90 -9.07
CA PHE A 19 -7.58 4.87 -8.62
C PHE A 19 -7.30 4.48 -7.17
N PRO A 20 -8.33 3.92 -6.51
CA PRO A 20 -8.21 3.44 -5.13
C PRO A 20 -7.34 2.19 -5.02
N ARG A 21 -6.52 2.13 -3.98
CA ARG A 21 -5.64 0.99 -3.77
C ARG A 21 -5.48 0.69 -2.28
N PHE A 22 -4.92 -0.47 -1.96
CA PHE A 22 -4.71 -0.88 -0.58
C PHE A 22 -3.25 -0.69 -0.18
N TYR A 23 -3.05 -0.22 1.05
CA TYR A 23 -1.70 0.01 1.56
C TYR A 23 -1.64 -0.23 3.06
N PHE A 24 -0.44 -0.51 3.57
CA PHE A 24 -0.25 -0.77 4.99
C PHE A 24 0.25 0.48 5.70
N ASP A 25 -0.42 0.85 6.78
CA ASP A 25 -0.04 2.02 7.56
C ASP A 25 0.82 1.63 8.76
N SER A 26 2.02 2.19 8.83
CA SER A 26 2.94 1.89 9.92
C SER A 26 2.60 2.71 11.16
N GLU A 27 1.54 3.52 11.05
CA GLU A 27 1.11 4.36 12.17
C GLU A 27 0.10 3.62 13.04
N THR A 28 -0.70 2.76 12.42
CA THR A 28 -1.71 1.99 13.13
C THR A 28 -1.43 0.50 13.04
N GLY A 29 -0.99 0.05 11.86
CA GLY A 29 -0.69 -1.36 11.67
C GLY A 29 -1.83 -2.10 11.02
N LYS A 30 -2.51 -1.45 10.08
CA LYS A 30 -3.63 -2.05 9.37
C LYS A 30 -3.74 -1.51 7.95
N CYS A 31 -4.33 -2.30 7.07
CA CYS A 31 -4.51 -1.90 5.67
C CYS A 31 -5.55 -0.79 5.55
N THR A 32 -5.30 0.16 4.66
CA THR A 32 -6.21 1.28 4.44
C THR A 32 -6.26 1.68 2.97
N PRO A 33 -7.47 1.90 2.46
CA PRO A 33 -7.69 2.36 1.08
C PRO A 33 -7.22 3.80 0.88
N PHE A 34 -6.51 4.03 -0.23
CA PHE A 34 -6.00 5.36 -0.54
C PHE A 34 -5.96 5.58 -2.06
N ILE A 35 -5.58 6.79 -2.46
CA ILE A 35 -5.48 7.12 -3.88
C ILE A 35 -4.10 6.80 -4.44
N TYR A 36 -4.06 5.99 -5.48
CA TYR A 36 -2.81 5.61 -6.11
C TYR A 36 -2.58 6.39 -7.40
N GLY A 37 -1.36 6.91 -7.58
CA GLY A 37 -1.05 7.67 -8.77
C GLY A 37 -0.83 6.77 -9.97
N GLY A 38 -0.95 5.47 -9.78
CA GLY A 38 -0.76 4.53 -10.88
C GLY A 38 0.67 4.00 -10.94
N CYS A 39 1.63 4.90 -11.01
CA CYS A 39 3.04 4.52 -11.07
C CYS A 39 3.50 3.92 -9.75
N GLY A 40 4.34 2.89 -9.85
CA GLY A 40 4.84 2.23 -8.65
C GLY A 40 5.43 3.22 -7.66
N GLY A 41 4.73 3.42 -6.54
CA GLY A 41 5.20 4.33 -5.52
C GLY A 41 6.52 3.90 -4.91
N ASN A 42 6.47 3.46 -3.66
CA ASN A 42 7.66 3.02 -2.95
C ASN A 42 7.76 1.49 -2.97
N GLY A 43 6.63 0.83 -2.80
CA GLY A 43 6.61 -0.63 -2.80
C GLY A 43 5.49 -1.19 -1.93
N ASN A 44 4.97 -0.36 -1.05
CA ASN A 44 3.89 -0.78 -0.15
C ASN A 44 2.52 -0.61 -0.82
N ASN A 45 2.18 -1.54 -1.70
CA ASN A 45 0.90 -1.49 -2.40
C ASN A 45 0.31 -2.89 -2.57
N PHE A 46 -1.01 -2.97 -2.61
CA PHE A 46 -1.71 -4.25 -2.77
C PHE A 46 -2.99 -4.08 -3.56
N GLU A 47 -3.36 -5.11 -4.31
CA GLU A 47 -4.57 -5.07 -5.12
C GLU A 47 -5.80 -5.38 -4.27
N THR A 48 -5.64 -6.29 -3.30
CA THR A 48 -6.73 -6.68 -2.42
C THR A 48 -6.36 -6.45 -0.96
N LEU A 49 -7.37 -6.17 -0.15
CA LEU A 49 -7.15 -5.93 1.27
C LEU A 49 -6.63 -7.19 1.97
N HIS A 50 -7.23 -8.32 1.64
CA HIS A 50 -6.83 -9.59 2.22
C HIS A 50 -5.32 -9.80 2.09
N ALA A 51 -4.84 -9.83 0.85
CA ALA A 51 -3.41 -10.01 0.58
C ALA A 51 -2.57 -9.09 1.44
N CYS A 52 -2.94 -7.81 1.46
CA CYS A 52 -2.22 -6.81 2.24
C CYS A 52 -2.04 -7.27 3.68
N ARG A 53 -3.06 -7.94 4.22
CA ARG A 53 -3.02 -8.43 5.59
C ARG A 53 -2.25 -9.74 5.67
N ALA A 54 -2.40 -10.58 4.64
CA ALA A 54 -1.72 -11.86 4.60
C ALA A 54 -0.27 -11.70 4.12
N ILE A 55 0.15 -10.45 3.93
CA ILE A 55 1.50 -10.17 3.48
C ILE A 55 2.25 -9.30 4.48
N CYS A 56 1.51 -8.44 5.17
CA CYS A 56 2.09 -7.54 6.17
C CYS A 56 1.94 -8.12 7.57
N ARG A 57 0.73 -8.57 7.89
CA ARG A 57 0.45 -9.14 9.19
C ARG A 57 0.71 -10.65 9.20
N ALA A 58 -0.14 -11.39 8.50
CA ALA A 58 0.00 -12.84 8.42
C ALA A 58 0.84 -13.24 7.21
N ILE A 1 11.02 -11.94 2.53
CA ILE A 1 10.65 -10.95 3.54
C ILE A 1 9.45 -10.13 3.09
N GLN A 2 8.55 -9.86 4.02
CA GLN A 2 7.35 -9.08 3.73
C GLN A 2 7.36 -7.75 4.49
N GLY A 3 7.89 -7.77 5.70
CA GLY A 3 7.96 -6.57 6.50
C GLY A 3 8.57 -5.40 5.76
N ASN A 4 9.49 -5.70 4.84
CA ASN A 4 10.15 -4.67 4.06
C ASN A 4 9.12 -3.74 3.40
N ILE A 5 8.42 -4.27 2.42
CA ILE A 5 7.40 -3.49 1.70
C ILE A 5 6.43 -2.84 2.67
N CYS A 6 6.09 -3.56 3.74
CA CYS A 6 5.18 -3.05 4.75
C CYS A 6 5.88 -2.08 5.70
N SER A 7 6.41 -0.99 5.14
CA SER A 7 7.11 0.01 5.94
C SER A 7 6.95 1.39 5.32
N GLU A 8 7.02 1.46 3.99
CA GLU A 8 6.89 2.73 3.29
C GLU A 8 5.46 3.27 3.40
N PRO A 9 5.34 4.57 3.67
CA PRO A 9 4.05 5.25 3.75
C PRO A 9 3.38 5.38 2.39
N LYS A 10 2.06 5.55 2.39
CA LYS A 10 1.30 5.68 1.16
C LYS A 10 1.65 6.99 0.44
N LYS A 11 1.50 6.99 -0.88
CA LYS A 11 1.80 8.17 -1.68
C LYS A 11 0.83 8.31 -2.83
N VAL A 12 0.40 9.54 -3.10
CA VAL A 12 -0.53 9.81 -4.19
C VAL A 12 0.11 9.59 -5.55
N GLY A 13 1.35 10.07 -5.69
CA GLY A 13 2.06 9.93 -6.95
C GLY A 13 1.41 10.69 -8.08
N ARG A 14 2.19 11.55 -8.73
CA ARG A 14 1.68 12.36 -9.84
C ARG A 14 2.09 11.75 -11.18
N CYS A 15 1.32 10.77 -11.64
CA CYS A 15 1.60 10.11 -12.91
C CYS A 15 0.31 9.83 -13.67
N ARG A 16 0.40 8.96 -14.67
CA ARG A 16 -0.76 8.59 -15.48
C ARG A 16 -1.52 7.43 -14.85
N GLY A 17 -2.27 7.72 -13.78
CA GLY A 17 -3.03 6.69 -13.12
C GLY A 17 -3.73 7.21 -11.87
N SER A 18 -5.00 6.84 -11.72
CA SER A 18 -5.79 7.27 -10.57
C SER A 18 -6.85 6.24 -10.22
N PHE A 19 -6.52 5.34 -9.29
CA PHE A 19 -7.45 4.29 -8.87
C PHE A 19 -7.28 4.00 -7.37
N PRO A 20 -8.31 3.40 -6.78
CA PRO A 20 -8.29 2.98 -5.37
C PRO A 20 -7.34 1.81 -5.13
N ARG A 21 -6.45 1.97 -4.15
CA ARG A 21 -5.49 0.92 -3.83
C ARG A 21 -5.46 0.65 -2.33
N PHE A 22 -4.51 -0.15 -1.89
CA PHE A 22 -4.38 -0.49 -0.48
C PHE A 22 -2.92 -0.48 -0.05
N TYR A 23 -2.67 -0.08 1.20
CA TYR A 23 -1.32 0.00 1.73
C TYR A 23 -1.31 -0.31 3.23
N PHE A 24 -0.12 -0.55 3.76
CA PHE A 24 0.03 -0.84 5.19
C PHE A 24 0.50 0.39 5.95
N ASP A 25 -0.29 0.80 6.93
CA ASP A 25 0.04 1.96 7.75
C ASP A 25 0.88 1.56 8.96
N SER A 26 2.06 2.15 9.09
CA SER A 26 2.96 1.85 10.20
C SER A 26 2.54 2.62 11.45
N GLU A 27 1.44 3.35 11.35
CA GLU A 27 0.93 4.13 12.47
C GLU A 27 -0.01 3.31 13.34
N THR A 28 -0.76 2.43 12.69
CA THR A 28 -1.72 1.57 13.40
C THR A 28 -1.44 0.10 13.12
N GLY A 29 -0.96 -0.20 11.92
CA GLY A 29 -0.66 -1.58 11.55
C GLY A 29 -1.83 -2.25 10.86
N LYS A 30 -2.62 -1.47 10.14
CA LYS A 30 -3.77 -2.01 9.42
C LYS A 30 -3.78 -1.53 7.98
N CYS A 31 -4.36 -2.34 7.09
CA CYS A 31 -4.44 -2.00 5.68
C CYS A 31 -5.52 -0.95 5.43
N THR A 32 -5.09 0.23 4.96
CA THR A 32 -6.01 1.31 4.68
C THR A 32 -6.04 1.64 3.19
N PRO A 33 -7.25 1.81 2.64
CA PRO A 33 -7.43 2.20 1.24
C PRO A 33 -6.99 3.64 0.97
N PHE A 34 -6.40 3.85 -0.20
CA PHE A 34 -5.93 5.17 -0.59
C PHE A 34 -5.92 5.34 -2.11
N ILE A 35 -5.61 6.54 -2.57
CA ILE A 35 -5.56 6.82 -4.00
C ILE A 35 -4.16 6.59 -4.56
N TYR A 36 -4.08 5.76 -5.60
CA TYR A 36 -2.80 5.46 -6.23
C TYR A 36 -2.63 6.27 -7.52
N GLY A 37 -1.43 6.80 -7.70
CA GLY A 37 -1.15 7.60 -8.89
C GLY A 37 -0.83 6.72 -10.10
N GLY A 38 -0.91 5.41 -9.92
CA GLY A 38 -0.62 4.50 -11.01
C GLY A 38 0.84 4.05 -11.02
N CYS A 39 1.74 5.02 -11.05
CA CYS A 39 3.16 4.73 -11.07
C CYS A 39 3.63 4.15 -9.73
N GLY A 40 4.49 3.15 -9.80
CA GLY A 40 4.99 2.52 -8.59
C GLY A 40 5.53 3.53 -7.59
N GLY A 41 4.77 3.75 -6.52
CA GLY A 41 5.19 4.71 -5.50
C GLY A 41 6.46 4.28 -4.80
N ASN A 42 6.34 3.92 -3.52
CA ASN A 42 7.48 3.49 -2.73
C ASN A 42 7.68 1.98 -2.82
N GLY A 43 6.58 1.24 -2.66
CA GLY A 43 6.65 -0.21 -2.73
C GLY A 43 5.60 -0.87 -1.86
N ASN A 44 5.02 -0.10 -0.93
CA ASN A 44 4.01 -0.63 -0.03
C ASN A 44 2.62 -0.56 -0.66
N ASN A 45 2.50 -1.07 -1.88
CA ASN A 45 1.23 -1.06 -2.60
C ASN A 45 0.59 -2.44 -2.58
N PHE A 46 -0.74 -2.47 -2.60
CA PHE A 46 -1.48 -3.72 -2.57
C PHE A 46 -2.73 -3.63 -3.44
N GLU A 47 -3.12 -4.76 -4.02
CA GLU A 47 -4.31 -4.80 -4.87
C GLU A 47 -5.58 -4.89 -4.04
N THR A 48 -5.54 -5.69 -2.97
CA THR A 48 -6.68 -5.87 -2.10
C THR A 48 -6.27 -5.76 -0.63
N LEU A 49 -7.23 -5.38 0.21
CA LEU A 49 -6.97 -5.23 1.65
C LEU A 49 -6.66 -6.58 2.28
N HIS A 50 -7.35 -7.62 1.82
CA HIS A 50 -7.14 -8.96 2.35
C HIS A 50 -5.68 -9.39 2.23
N ALA A 51 -5.20 -9.48 0.99
CA ALA A 51 -3.82 -9.87 0.73
C ALA A 51 -2.86 -9.07 1.60
N CYS A 52 -3.06 -7.75 1.63
CA CYS A 52 -2.21 -6.87 2.42
C CYS A 52 -2.09 -7.36 3.86
N ARG A 53 -3.19 -7.87 4.40
CA ARG A 53 -3.22 -8.39 5.76
C ARG A 53 -2.53 -9.75 5.85
N ALA A 54 -2.74 -10.57 4.82
CA ALA A 54 -2.14 -11.90 4.78
C ALA A 54 -0.69 -11.83 4.30
N ILE A 55 -0.20 -10.63 4.07
CA ILE A 55 1.17 -10.43 3.62
C ILE A 55 1.97 -9.61 4.62
N CYS A 56 1.31 -8.65 5.25
CA CYS A 56 1.96 -7.80 6.24
C CYS A 56 1.82 -8.37 7.65
N ARG A 57 0.60 -8.75 8.00
CA ARG A 57 0.32 -9.32 9.31
C ARG A 57 0.48 -10.84 9.29
N ALA A 58 -0.46 -11.52 8.64
CA ALA A 58 -0.42 -12.97 8.55
C ALA A 58 0.60 -13.42 7.52
N ILE A 1 9.91 -11.93 5.13
CA ILE A 1 10.00 -11.20 3.88
C ILE A 1 8.75 -10.35 3.64
N GLN A 2 8.33 -9.63 4.68
CA GLN A 2 7.15 -8.78 4.58
C GLN A 2 7.47 -7.35 5.04
N GLY A 3 8.29 -7.24 6.07
CA GLY A 3 8.66 -5.93 6.59
C GLY A 3 9.24 -5.03 5.51
N ASN A 4 9.88 -5.63 4.52
CA ASN A 4 10.48 -4.87 3.43
C ASN A 4 9.46 -3.90 2.82
N ILE A 5 8.51 -4.44 2.05
CA ILE A 5 7.49 -3.63 1.43
C ILE A 5 6.65 -2.89 2.46
N CYS A 6 6.37 -3.56 3.57
CA CYS A 6 5.58 -2.97 4.65
C CYS A 6 6.45 -2.08 5.53
N SER A 7 7.09 -1.09 4.92
CA SER A 7 7.95 -0.17 5.65
C SER A 7 7.70 1.28 5.21
N GLU A 8 7.45 1.46 3.92
CA GLU A 8 7.20 2.80 3.38
C GLU A 8 5.71 3.14 3.46
N PRO A 9 5.42 4.41 3.77
CA PRO A 9 4.04 4.91 3.83
C PRO A 9 3.40 5.00 2.46
N LYS A 10 2.09 5.21 2.44
CA LYS A 10 1.35 5.31 1.17
C LYS A 10 1.72 6.60 0.44
N LYS A 11 1.78 6.51 -0.89
CA LYS A 11 2.11 7.67 -1.72
C LYS A 11 1.25 7.72 -2.96
N VAL A 12 0.63 8.87 -3.22
CA VAL A 12 -0.22 9.04 -4.38
C VAL A 12 0.60 9.24 -5.65
N GLY A 13 1.19 10.41 -5.78
CA GLY A 13 2.01 10.71 -6.95
C GLY A 13 1.17 11.22 -8.12
N ARG A 14 1.68 12.25 -8.79
CA ARG A 14 0.98 12.81 -9.94
C ARG A 14 1.52 12.27 -11.24
N CYS A 15 0.82 11.29 -11.81
CA CYS A 15 1.24 10.67 -13.06
C CYS A 15 0.05 10.39 -13.97
N ARG A 16 0.26 9.58 -14.99
CA ARG A 16 -0.81 9.23 -15.92
C ARG A 16 -1.60 8.02 -15.43
N GLY A 17 -2.45 8.25 -14.43
CA GLY A 17 -3.24 7.17 -13.89
C GLY A 17 -3.66 7.41 -12.44
N SER A 18 -4.90 7.10 -12.12
CA SER A 18 -5.41 7.29 -10.77
C SER A 18 -6.49 6.28 -10.44
N PHE A 19 -6.23 5.43 -9.45
CA PHE A 19 -7.18 4.41 -9.04
C PHE A 19 -7.03 4.09 -7.55
N PRO A 20 -8.07 3.48 -6.97
CA PRO A 20 -8.06 3.05 -5.57
C PRO A 20 -7.11 1.87 -5.33
N ARG A 21 -6.38 1.91 -4.23
CA ARG A 21 -5.44 0.85 -3.89
C ARG A 21 -5.46 0.57 -2.39
N PHE A 22 -4.50 -0.23 -1.93
CA PHE A 22 -4.40 -0.58 -0.52
C PHE A 22 -2.95 -0.55 -0.05
N TYR A 23 -2.75 -0.15 1.19
CA TYR A 23 -1.40 -0.07 1.76
C TYR A 23 -1.42 -0.42 3.26
N PHE A 24 -0.24 -0.69 3.81
CA PHE A 24 -0.13 -1.03 5.22
C PHE A 24 0.36 0.16 6.03
N ASP A 25 -0.46 0.56 7.01
CA ASP A 25 -0.12 1.69 7.86
C ASP A 25 0.66 1.23 9.09
N SER A 26 1.92 1.65 9.18
CA SER A 26 2.77 1.27 10.30
C SER A 26 2.49 2.16 11.51
N GLU A 27 1.55 3.09 11.36
CA GLU A 27 1.19 4.00 12.43
C GLU A 27 0.07 3.41 13.29
N THR A 28 -0.82 2.68 12.65
CA THR A 28 -1.94 2.06 13.36
C THR A 28 -1.83 0.53 13.33
N GLY A 29 -1.31 0.00 12.23
CA GLY A 29 -1.15 -1.44 12.11
C GLY A 29 -2.31 -2.08 11.37
N LYS A 30 -2.91 -1.34 10.45
CA LYS A 30 -4.04 -1.85 9.67
C LYS A 30 -3.95 -1.38 8.22
N CYS A 31 -4.48 -2.20 7.31
CA CYS A 31 -4.46 -1.88 5.89
C CYS A 31 -5.53 -0.84 5.56
N THR A 32 -5.10 0.27 4.97
CA THR A 32 -6.01 1.34 4.59
C THR A 32 -6.05 1.53 3.08
N PRO A 33 -7.27 1.52 2.52
CA PRO A 33 -7.48 1.75 1.08
C PRO A 33 -7.20 3.19 0.69
N PHE A 34 -6.03 3.43 0.10
CA PHE A 34 -5.64 4.77 -0.33
C PHE A 34 -5.79 4.92 -1.84
N ILE A 35 -5.28 6.03 -2.37
CA ILE A 35 -5.35 6.29 -3.79
C ILE A 35 -3.97 6.24 -4.44
N TYR A 36 -3.84 5.46 -5.50
CA TYR A 36 -2.58 5.31 -6.21
C TYR A 36 -2.50 6.29 -7.38
N GLY A 37 -1.28 6.76 -7.66
CA GLY A 37 -1.09 7.69 -8.76
C GLY A 37 -0.77 6.99 -10.07
N GLY A 38 -1.12 5.71 -10.15
CA GLY A 38 -0.85 4.95 -11.36
C GLY A 38 0.60 4.54 -11.48
N CYS A 39 1.49 5.53 -11.46
CA CYS A 39 2.92 5.26 -11.56
C CYS A 39 3.44 4.54 -10.32
N GLY A 40 4.61 3.91 -10.46
CA GLY A 40 5.19 3.20 -9.34
C GLY A 40 5.62 4.13 -8.22
N GLY A 41 4.83 4.17 -7.15
CA GLY A 41 5.15 5.03 -6.02
C GLY A 41 6.13 4.38 -5.06
N ASN A 42 5.62 3.81 -3.97
CA ASN A 42 6.45 3.17 -2.97
C ASN A 42 6.34 1.65 -3.07
N GLY A 43 7.06 0.95 -2.19
CA GLY A 43 7.03 -0.50 -2.20
C GLY A 43 5.84 -1.05 -1.43
N ASN A 44 5.22 -0.21 -0.61
CA ASN A 44 4.08 -0.62 0.18
C ASN A 44 2.78 -0.44 -0.61
N ASN A 45 2.46 -1.43 -1.44
CA ASN A 45 1.25 -1.38 -2.25
C ASN A 45 0.58 -2.75 -2.30
N PHE A 46 -0.74 -2.75 -2.43
CA PHE A 46 -1.51 -3.99 -2.50
C PHE A 46 -2.77 -3.82 -3.35
N GLU A 47 -3.19 -4.90 -4.00
CA GLU A 47 -4.37 -4.87 -4.84
C GLU A 47 -5.65 -4.94 -4.00
N THR A 48 -5.58 -5.68 -2.89
CA THR A 48 -6.72 -5.82 -2.01
C THR A 48 -6.30 -5.69 -0.54
N LEU A 49 -7.24 -5.28 0.30
CA LEU A 49 -6.97 -5.10 1.72
C LEU A 49 -6.66 -6.43 2.39
N HIS A 50 -7.37 -7.48 1.97
CA HIS A 50 -7.16 -8.82 2.52
C HIS A 50 -5.70 -9.24 2.38
N ALA A 51 -5.23 -9.33 1.14
CA ALA A 51 -3.85 -9.72 0.87
C ALA A 51 -2.88 -8.91 1.72
N CYS A 52 -3.09 -7.60 1.77
CA CYS A 52 -2.23 -6.71 2.54
C CYS A 52 -2.07 -7.23 3.97
N ARG A 53 -3.15 -7.77 4.53
CA ARG A 53 -3.14 -8.30 5.88
C ARG A 53 -2.47 -9.67 5.93
N ALA A 54 -2.67 -10.46 4.88
CA ALA A 54 -2.09 -11.80 4.80
C ALA A 54 -0.64 -11.73 4.35
N ILE A 55 -0.15 -10.52 4.11
CA ILE A 55 1.23 -10.33 3.67
C ILE A 55 2.07 -9.72 4.79
N CYS A 56 1.47 -8.82 5.56
CA CYS A 56 2.17 -8.16 6.66
C CYS A 56 1.89 -8.86 7.98
N ARG A 57 0.63 -9.17 8.22
CA ARG A 57 0.22 -9.85 9.45
C ARG A 57 0.26 -11.37 9.28
N ALA A 58 -0.71 -11.90 8.54
CA ALA A 58 -0.78 -13.34 8.30
C ALA A 58 0.20 -13.76 7.22
N ILE A 1 11.29 -11.64 3.79
CA ILE A 1 10.79 -10.89 2.65
C ILE A 1 9.39 -10.34 2.92
N GLN A 2 9.21 -9.73 4.08
CA GLN A 2 7.93 -9.17 4.46
C GLN A 2 8.08 -7.71 4.88
N GLY A 3 9.04 -7.44 5.75
CA GLY A 3 9.27 -6.08 6.22
C GLY A 3 9.60 -5.14 5.08
N ASN A 4 10.40 -5.61 4.13
CA ASN A 4 10.80 -4.80 2.99
C ASN A 4 9.58 -4.18 2.31
N ILE A 5 8.51 -4.98 2.18
CA ILE A 5 7.29 -4.51 1.55
C ILE A 5 6.56 -3.51 2.44
N CYS A 6 6.09 -3.99 3.59
CA CYS A 6 5.37 -3.14 4.53
C CYS A 6 6.34 -2.31 5.37
N SER A 7 7.15 -1.50 4.69
CA SER A 7 8.12 -0.65 5.36
C SER A 7 7.94 0.81 4.97
N GLU A 8 7.65 1.04 3.70
CA GLU A 8 7.45 2.40 3.19
C GLU A 8 5.99 2.81 3.31
N PRO A 9 5.76 4.10 3.58
CA PRO A 9 4.41 4.67 3.67
C PRO A 9 3.72 4.73 2.31
N LYS A 10 2.45 5.12 2.32
CA LYS A 10 1.68 5.22 1.08
C LYS A 10 2.07 6.47 0.29
N LYS A 11 2.01 6.36 -1.03
CA LYS A 11 2.36 7.48 -1.91
C LYS A 11 1.47 7.50 -3.14
N VAL A 12 0.62 8.50 -3.23
CA VAL A 12 -0.29 8.64 -4.38
C VAL A 12 0.49 9.02 -5.64
N GLY A 13 1.40 9.97 -5.50
CA GLY A 13 2.20 10.40 -6.65
C GLY A 13 1.35 11.07 -7.71
N ARG A 14 1.92 12.07 -8.37
CA ARG A 14 1.22 12.79 -9.42
C ARG A 14 1.64 12.31 -10.81
N CYS A 15 0.89 11.37 -11.36
CA CYS A 15 1.19 10.82 -12.67
C CYS A 15 -0.09 10.54 -13.44
N ARG A 16 0.04 9.77 -14.53
CA ARG A 16 -1.11 9.43 -15.35
C ARG A 16 -1.80 8.17 -14.84
N GLY A 17 -2.50 8.29 -13.72
CA GLY A 17 -3.19 7.15 -13.14
C GLY A 17 -3.80 7.47 -11.79
N SER A 18 -5.05 7.06 -11.61
CA SER A 18 -5.76 7.31 -10.35
C SER A 18 -6.81 6.24 -10.10
N PHE A 19 -6.45 5.25 -9.29
CA PHE A 19 -7.35 4.16 -8.97
C PHE A 19 -7.28 3.82 -7.48
N PRO A 20 -8.32 3.10 -6.99
CA PRO A 20 -8.36 2.65 -5.60
C PRO A 20 -7.34 1.55 -5.30
N ARG A 21 -6.56 1.74 -4.25
CA ARG A 21 -5.54 0.77 -3.87
C ARG A 21 -5.54 0.56 -2.36
N PHE A 22 -4.58 -0.23 -1.88
CA PHE A 22 -4.47 -0.53 -0.46
C PHE A 22 -3.01 -0.51 -0.01
N TYR A 23 -2.80 -0.09 1.23
CA TYR A 23 -1.45 -0.02 1.78
C TYR A 23 -1.46 -0.28 3.29
N PHE A 24 -0.29 -0.55 3.84
CA PHE A 24 -0.16 -0.83 5.27
C PHE A 24 0.34 0.41 6.02
N ASP A 25 -0.40 0.82 7.03
CA ASP A 25 -0.04 1.99 7.82
C ASP A 25 0.65 1.57 9.12
N SER A 26 1.85 2.09 9.34
CA SER A 26 2.61 1.76 10.55
C SER A 26 2.13 2.59 11.73
N GLU A 27 1.15 3.45 11.50
CA GLU A 27 0.61 4.30 12.54
C GLU A 27 -0.56 3.61 13.25
N THR A 28 -1.32 2.83 12.49
CA THR A 28 -2.47 2.10 13.05
C THR A 28 -2.22 0.60 13.04
N GLY A 29 -1.57 0.11 11.99
CA GLY A 29 -1.29 -1.31 11.89
C GLY A 29 -2.27 -2.03 11.00
N LYS A 30 -3.22 -1.29 10.45
CA LYS A 30 -4.24 -1.86 9.57
C LYS A 30 -4.02 -1.44 8.13
N CYS A 31 -4.83 -1.96 7.22
CA CYS A 31 -4.73 -1.63 5.80
C CYS A 31 -5.73 -0.54 5.42
N THR A 32 -5.22 0.57 4.91
CA THR A 32 -6.06 1.69 4.51
C THR A 32 -6.16 1.80 2.99
N PRO A 33 -7.39 1.79 2.46
CA PRO A 33 -7.64 1.95 1.03
C PRO A 33 -7.33 3.36 0.53
N PHE A 34 -6.13 3.54 -0.02
CA PHE A 34 -5.72 4.83 -0.53
C PHE A 34 -5.81 4.88 -2.05
N ILE A 35 -5.30 5.96 -2.64
CA ILE A 35 -5.31 6.12 -4.08
C ILE A 35 -3.91 6.03 -4.67
N TYR A 36 -3.75 5.22 -5.71
CA TYR A 36 -2.45 5.05 -6.35
C TYR A 36 -2.35 5.91 -7.61
N GLY A 37 -1.16 6.45 -7.86
CA GLY A 37 -0.96 7.29 -9.03
C GLY A 37 -0.77 6.47 -10.29
N GLY A 38 -0.53 5.18 -10.14
CA GLY A 38 -0.35 4.31 -11.29
C GLY A 38 1.11 4.19 -11.69
N CYS A 39 1.82 5.32 -11.71
CA CYS A 39 3.22 5.34 -12.07
C CYS A 39 4.07 4.66 -11.02
N GLY A 40 3.65 4.76 -9.76
CA GLY A 40 4.37 4.14 -8.67
C GLY A 40 4.69 5.12 -7.55
N GLY A 41 4.86 4.60 -6.34
CA GLY A 41 5.16 5.44 -5.21
C GLY A 41 6.11 4.79 -4.22
N ASN A 42 5.75 3.60 -3.77
CA ASN A 42 6.58 2.86 -2.82
C ASN A 42 6.41 1.35 -2.99
N GLY A 43 7.10 0.58 -2.16
CA GLY A 43 7.01 -0.86 -2.24
C GLY A 43 5.84 -1.41 -1.45
N ASN A 44 5.28 -0.58 -0.57
CA ASN A 44 4.15 -1.00 0.25
C ASN A 44 2.84 -0.74 -0.46
N ASN A 45 2.48 -1.65 -1.38
CA ASN A 45 1.24 -1.52 -2.13
C ASN A 45 0.56 -2.88 -2.29
N PHE A 46 -0.76 -2.87 -2.40
CA PHE A 46 -1.53 -4.09 -2.55
C PHE A 46 -2.79 -3.84 -3.38
N GLU A 47 -3.20 -4.85 -4.14
CA GLU A 47 -4.38 -4.74 -4.98
C GLU A 47 -5.65 -4.99 -4.17
N THR A 48 -5.53 -5.79 -3.11
CA THR A 48 -6.66 -6.10 -2.26
C THR A 48 -6.32 -5.87 -0.79
N LEU A 49 -7.32 -5.47 -0.01
CA LEU A 49 -7.13 -5.21 1.41
C LEU A 49 -6.75 -6.50 2.14
N HIS A 50 -7.35 -7.61 1.72
CA HIS A 50 -7.08 -8.91 2.34
C HIS A 50 -5.59 -9.23 2.29
N ALA A 51 -5.06 -9.36 1.07
CA ALA A 51 -3.65 -9.67 0.87
C ALA A 51 -2.77 -8.76 1.73
N CYS A 52 -3.11 -7.48 1.77
CA CYS A 52 -2.34 -6.51 2.55
C CYS A 52 -2.21 -6.97 4.00
N ARG A 53 -3.29 -7.52 4.55
CA ARG A 53 -3.29 -7.99 5.93
C ARG A 53 -2.66 -9.37 6.03
N ALA A 54 -2.86 -10.19 4.99
CA ALA A 54 -2.30 -11.53 4.97
C ALA A 54 -0.84 -11.52 4.54
N ILE A 55 -0.31 -10.31 4.32
CA ILE A 55 1.08 -10.16 3.92
C ILE A 55 1.88 -9.38 4.96
N CYS A 56 1.22 -8.43 5.60
CA CYS A 56 1.87 -7.61 6.62
C CYS A 56 1.63 -8.18 8.01
N ARG A 57 0.38 -8.51 8.31
CA ARG A 57 0.03 -9.08 9.60
C ARG A 57 0.13 -10.60 9.59
N ALA A 58 -0.80 -11.25 8.89
CA ALA A 58 -0.81 -12.70 8.79
C ALA A 58 0.19 -13.18 7.75
N ILE A 1 10.80 -11.80 1.91
CA ILE A 1 10.67 -10.99 3.11
C ILE A 1 9.43 -10.11 3.04
N GLN A 2 8.86 -9.79 4.20
CA GLN A 2 7.67 -8.96 4.27
C GLN A 2 7.98 -7.62 4.95
N GLY A 3 8.86 -7.67 5.95
CA GLY A 3 9.21 -6.47 6.68
C GLY A 3 9.64 -5.34 5.75
N ASN A 4 10.43 -5.68 4.73
CA ASN A 4 10.90 -4.69 3.78
C ASN A 4 9.74 -4.07 3.00
N ILE A 5 8.74 -4.90 2.70
CA ILE A 5 7.57 -4.45 1.96
C ILE A 5 6.84 -3.34 2.71
N CYS A 6 6.29 -3.69 3.87
CA CYS A 6 5.56 -2.74 4.70
C CYS A 6 6.52 -1.86 5.50
N SER A 7 7.40 -1.16 4.79
CA SER A 7 8.38 -0.28 5.43
C SER A 7 8.13 1.18 5.07
N GLU A 8 7.68 1.40 3.83
CA GLU A 8 7.41 2.75 3.35
C GLU A 8 5.90 3.03 3.39
N PRO A 9 5.56 4.30 3.67
CA PRO A 9 4.16 4.75 3.68
C PRO A 9 3.56 4.80 2.29
N LYS A 10 2.27 5.14 2.21
CA LYS A 10 1.57 5.22 0.93
C LYS A 10 1.99 6.47 0.17
N LYS A 11 1.96 6.38 -1.16
CA LYS A 11 2.33 7.51 -2.01
C LYS A 11 1.53 7.49 -3.30
N VAL A 12 0.55 8.38 -3.39
CA VAL A 12 -0.29 8.47 -4.58
C VAL A 12 0.49 9.02 -5.77
N GLY A 13 1.25 10.09 -5.52
CA GLY A 13 2.04 10.70 -6.58
C GLY A 13 1.18 11.24 -7.70
N ARG A 14 1.70 12.23 -8.42
CA ARG A 14 0.98 12.86 -9.52
C ARG A 14 1.48 12.33 -10.86
N CYS A 15 0.71 11.41 -11.45
CA CYS A 15 1.07 10.82 -12.73
C CYS A 15 -0.17 10.58 -13.59
N ARG A 16 -0.01 9.80 -14.66
CA ARG A 16 -1.11 9.49 -15.56
C ARG A 16 -1.87 8.27 -15.07
N GLY A 17 -2.34 8.32 -13.83
CA GLY A 17 -3.09 7.20 -13.26
C GLY A 17 -3.78 7.56 -11.97
N SER A 18 -5.01 7.11 -11.82
CA SER A 18 -5.79 7.40 -10.61
C SER A 18 -6.80 6.28 -10.33
N PHE A 19 -6.44 5.38 -9.42
CA PHE A 19 -7.31 4.26 -9.06
C PHE A 19 -7.18 3.93 -7.59
N PRO A 20 -8.19 3.23 -7.04
CA PRO A 20 -8.17 2.77 -5.64
C PRO A 20 -7.16 1.67 -5.40
N ARG A 21 -6.52 1.70 -4.24
CA ARG A 21 -5.52 0.71 -3.89
C ARG A 21 -5.55 0.41 -2.39
N PHE A 22 -4.53 -0.30 -1.91
CA PHE A 22 -4.44 -0.65 -0.50
C PHE A 22 -2.99 -0.63 -0.02
N TYR A 23 -2.78 -0.09 1.18
CA TYR A 23 -1.45 0.00 1.75
C TYR A 23 -1.48 -0.23 3.26
N PHE A 24 -0.33 -0.61 3.82
CA PHE A 24 -0.23 -0.88 5.25
C PHE A 24 0.27 0.36 5.98
N ASP A 25 -0.51 0.79 6.97
CA ASP A 25 -0.15 1.97 7.77
C ASP A 25 0.64 1.56 9.01
N SER A 26 1.87 2.05 9.10
CA SER A 26 2.74 1.74 10.24
C SER A 26 2.40 2.63 11.43
N GLU A 27 1.37 3.45 11.28
CA GLU A 27 0.95 4.34 12.35
C GLU A 27 -0.07 3.66 13.27
N THR A 28 -0.90 2.81 12.70
CA THR A 28 -1.91 2.10 13.45
C THR A 28 -1.75 0.59 13.31
N GLY A 29 -1.31 0.15 12.13
CA GLY A 29 -1.12 -1.26 11.88
C GLY A 29 -2.29 -1.88 11.15
N LYS A 30 -2.96 -1.08 10.33
CA LYS A 30 -4.12 -1.57 9.57
C LYS A 30 -4.04 -1.11 8.11
N CYS A 31 -4.52 -1.95 7.21
CA CYS A 31 -4.51 -1.64 5.79
C CYS A 31 -5.52 -0.54 5.47
N THR A 32 -5.03 0.57 4.91
CA THR A 32 -5.88 1.68 4.56
C THR A 32 -5.92 1.89 3.05
N PRO A 33 -7.14 1.93 2.48
CA PRO A 33 -7.36 2.18 1.06
C PRO A 33 -7.03 3.62 0.67
N PHE A 34 -6.29 3.77 -0.42
CA PHE A 34 -5.90 5.09 -0.90
C PHE A 34 -5.83 5.13 -2.43
N ILE A 35 -5.66 6.31 -2.98
CA ILE A 35 -5.60 6.48 -4.43
C ILE A 35 -4.15 6.36 -4.92
N TYR A 36 -3.94 5.54 -5.94
CA TYR A 36 -2.62 5.33 -6.50
C TYR A 36 -2.44 6.14 -7.78
N GLY A 37 -1.22 6.62 -8.01
CA GLY A 37 -0.94 7.40 -9.20
C GLY A 37 -0.74 6.53 -10.43
N GLY A 38 -0.50 5.25 -10.21
CA GLY A 38 -0.29 4.33 -11.32
C GLY A 38 1.17 4.21 -11.71
N CYS A 39 1.86 5.35 -11.74
CA CYS A 39 3.28 5.37 -12.10
C CYS A 39 4.13 4.69 -11.03
N GLY A 40 3.69 4.82 -9.77
CA GLY A 40 4.42 4.21 -8.67
C GLY A 40 4.69 5.19 -7.56
N GLY A 41 4.67 4.70 -6.32
CA GLY A 41 4.92 5.56 -5.17
C GLY A 41 5.91 4.95 -4.20
N ASN A 42 5.61 3.74 -3.73
CA ASN A 42 6.48 3.05 -2.79
C ASN A 42 6.39 1.54 -2.96
N GLY A 43 7.11 0.80 -2.13
CA GLY A 43 7.09 -0.64 -2.20
C GLY A 43 5.93 -1.25 -1.43
N ASN A 44 5.37 -0.48 -0.51
CA ASN A 44 4.26 -0.95 0.31
C ASN A 44 2.92 -0.71 -0.41
N ASN A 45 2.55 -1.64 -1.28
CA ASN A 45 1.31 -1.53 -2.02
C ASN A 45 0.60 -2.89 -2.10
N PHE A 46 -0.73 -2.85 -2.25
CA PHE A 46 -1.51 -4.08 -2.34
C PHE A 46 -2.74 -3.87 -3.24
N GLU A 47 -3.13 -4.92 -3.95
CA GLU A 47 -4.28 -4.85 -4.84
C GLU A 47 -5.58 -5.00 -4.05
N THR A 48 -5.53 -5.82 -3.00
CA THR A 48 -6.71 -6.05 -2.17
C THR A 48 -6.35 -5.97 -0.69
N LEU A 49 -7.24 -5.37 0.10
CA LEU A 49 -7.02 -5.23 1.53
C LEU A 49 -6.77 -6.59 2.18
N HIS A 50 -7.44 -7.62 1.67
CA HIS A 50 -7.29 -8.96 2.19
C HIS A 50 -5.82 -9.38 2.20
N ALA A 51 -5.22 -9.43 1.02
CA ALA A 51 -3.82 -9.82 0.89
C ALA A 51 -2.95 -9.04 1.87
N CYS A 52 -3.11 -7.72 1.89
CA CYS A 52 -2.33 -6.88 2.79
C CYS A 52 -2.33 -7.44 4.21
N ARG A 53 -3.46 -8.00 4.62
CA ARG A 53 -3.59 -8.57 5.95
C ARG A 53 -2.95 -9.95 6.01
N ALA A 54 -3.19 -10.77 5.00
CA ALA A 54 -2.64 -12.11 4.94
C ALA A 54 -1.22 -12.09 4.35
N ILE A 55 -0.59 -10.93 4.38
CA ILE A 55 0.76 -10.77 3.85
C ILE A 55 1.71 -10.24 4.91
N CYS A 56 1.31 -9.16 5.57
CA CYS A 56 2.14 -8.56 6.61
C CYS A 56 1.55 -8.84 8.00
N ARG A 57 0.22 -8.95 8.07
CA ARG A 57 -0.45 -9.22 9.32
C ARG A 57 -0.55 -10.72 9.57
N ALA A 58 -0.42 -11.50 8.51
CA ALA A 58 -0.50 -12.96 8.61
C ALA A 58 0.69 -13.52 9.37
N ILE A 1 10.12 -12.52 3.44
CA ILE A 1 10.26 -11.13 3.87
C ILE A 1 9.05 -10.30 3.47
N GLN A 2 8.40 -9.69 4.45
CA GLN A 2 7.23 -8.86 4.20
C GLN A 2 7.41 -7.46 4.77
N GLY A 3 8.05 -7.39 5.94
CA GLY A 3 8.27 -6.11 6.58
C GLY A 3 8.91 -5.10 5.65
N ASN A 4 9.72 -5.59 4.71
CA ASN A 4 10.40 -4.72 3.76
C ASN A 4 9.41 -3.77 3.08
N ILE A 5 8.60 -4.33 2.18
CA ILE A 5 7.61 -3.53 1.47
C ILE A 5 6.76 -2.71 2.43
N CYS A 6 6.42 -3.31 3.57
CA CYS A 6 5.61 -2.62 4.58
C CYS A 6 6.48 -1.69 5.42
N SER A 7 7.10 -0.71 4.77
CA SER A 7 7.96 0.24 5.45
C SER A 7 7.71 1.65 4.94
N GLU A 8 7.45 1.77 3.66
CA GLU A 8 7.19 3.07 3.04
C GLU A 8 5.72 3.46 3.18
N PRO A 9 5.48 4.75 3.47
CA PRO A 9 4.12 5.30 3.58
C PRO A 9 3.42 5.36 2.23
N LYS A 10 2.09 5.51 2.27
CA LYS A 10 1.30 5.59 1.06
C LYS A 10 1.59 6.88 0.30
N LYS A 11 1.65 6.79 -1.02
CA LYS A 11 1.91 7.95 -1.86
C LYS A 11 0.89 8.06 -2.98
N VAL A 12 0.29 9.23 -3.12
CA VAL A 12 -0.71 9.47 -4.16
C VAL A 12 -0.08 9.48 -5.54
N GLY A 13 1.12 10.06 -5.64
CA GLY A 13 1.81 10.12 -6.91
C GLY A 13 1.11 11.03 -7.90
N ARG A 14 1.87 11.94 -8.51
CA ARG A 14 1.32 12.86 -9.49
C ARG A 14 1.61 12.40 -10.91
N CYS A 15 1.39 11.11 -11.15
CA CYS A 15 1.63 10.53 -12.47
C CYS A 15 0.32 10.37 -13.24
N ARG A 16 0.36 9.61 -14.32
CA ARG A 16 -0.81 9.37 -15.15
C ARG A 16 -1.61 8.17 -14.64
N GLY A 17 -2.30 8.36 -13.53
CA GLY A 17 -3.09 7.29 -12.96
C GLY A 17 -3.87 7.72 -11.73
N SER A 18 -5.10 7.27 -11.62
CA SER A 18 -5.95 7.62 -10.48
C SER A 18 -6.97 6.51 -10.19
N PHE A 19 -6.57 5.54 -9.39
CA PHE A 19 -7.44 4.43 -9.04
C PHE A 19 -7.29 4.06 -7.56
N PRO A 20 -8.31 3.37 -7.03
CA PRO A 20 -8.28 2.88 -5.64
C PRO A 20 -7.27 1.76 -5.43
N ARG A 21 -6.64 1.74 -4.26
CA ARG A 21 -5.65 0.73 -3.94
C ARG A 21 -5.63 0.44 -2.44
N PHE A 22 -4.61 -0.27 -1.99
CA PHE A 22 -4.47 -0.63 -0.59
C PHE A 22 -3.01 -0.55 -0.14
N TYR A 23 -2.80 -0.10 1.09
CA TYR A 23 -1.45 0.03 1.64
C TYR A 23 -1.44 -0.28 3.14
N PHE A 24 -0.25 -0.50 3.67
CA PHE A 24 -0.10 -0.81 5.10
C PHE A 24 0.35 0.43 5.87
N ASP A 25 -0.39 0.76 6.92
CA ASP A 25 -0.07 1.92 7.75
C ASP A 25 0.70 1.50 9.00
N SER A 26 1.92 1.99 9.12
CA SER A 26 2.77 1.66 10.27
C SER A 26 2.40 2.52 11.48
N GLU A 27 1.38 3.36 11.31
CA GLU A 27 0.92 4.22 12.40
C GLU A 27 -0.13 3.53 13.25
N THR A 28 -0.97 2.72 12.60
CA THR A 28 -2.03 2.00 13.29
C THR A 28 -1.80 0.50 13.22
N GLY A 29 -1.22 0.04 12.11
CA GLY A 29 -0.97 -1.38 11.94
C GLY A 29 -2.08 -2.08 11.18
N LYS A 30 -2.78 -1.33 10.32
CA LYS A 30 -3.87 -1.88 9.54
C LYS A 30 -3.82 -1.39 8.10
N CYS A 31 -4.38 -2.17 7.19
CA CYS A 31 -4.39 -1.82 5.77
C CYS A 31 -5.46 -0.76 5.49
N THR A 32 -5.05 0.35 4.90
CA THR A 32 -5.97 1.44 4.57
C THR A 32 -6.02 1.69 3.07
N PRO A 33 -7.25 1.77 2.53
CA PRO A 33 -7.47 2.07 1.11
C PRO A 33 -7.10 3.51 0.76
N PHE A 34 -6.40 3.68 -0.36
CA PHE A 34 -5.98 5.01 -0.80
C PHE A 34 -5.91 5.08 -2.32
N ILE A 35 -5.72 6.28 -2.85
CA ILE A 35 -5.64 6.48 -4.30
C ILE A 35 -4.20 6.33 -4.79
N TYR A 36 -4.03 5.52 -5.83
CA TYR A 36 -2.70 5.28 -6.40
C TYR A 36 -2.51 6.11 -7.66
N GLY A 37 -1.33 6.71 -7.79
CA GLY A 37 -1.03 7.52 -8.96
C GLY A 37 -0.71 6.69 -10.19
N GLY A 38 -0.71 5.37 -10.01
CA GLY A 38 -0.41 4.47 -11.11
C GLY A 38 1.05 4.11 -11.18
N CYS A 39 1.91 5.12 -11.13
CA CYS A 39 3.36 4.90 -11.20
C CYS A 39 3.86 4.23 -9.92
N GLY A 40 4.76 3.27 -10.08
CA GLY A 40 5.31 2.56 -8.94
C GLY A 40 5.77 3.50 -7.84
N GLY A 41 5.01 3.55 -6.75
CA GLY A 41 5.35 4.42 -5.64
C GLY A 41 6.68 4.05 -5.00
N ASN A 42 6.61 3.49 -3.79
CA ASN A 42 7.81 3.08 -3.07
C ASN A 42 7.92 1.57 -3.02
N GLY A 43 6.85 0.91 -2.59
CA GLY A 43 6.86 -0.54 -2.51
C GLY A 43 5.69 -1.07 -1.68
N ASN A 44 5.14 -0.22 -0.82
CA ASN A 44 4.02 -0.61 0.03
C ASN A 44 2.70 -0.43 -0.71
N ASN A 45 2.35 -1.42 -1.53
CA ASN A 45 1.11 -1.39 -2.29
C ASN A 45 0.45 -2.76 -2.33
N PHE A 46 -0.88 -2.77 -2.43
CA PHE A 46 -1.63 -4.02 -2.48
C PHE A 46 -2.89 -3.86 -3.32
N GLU A 47 -3.31 -4.96 -3.95
CA GLU A 47 -4.51 -4.94 -4.79
C GLU A 47 -5.77 -5.05 -3.94
N THR A 48 -5.69 -5.86 -2.88
CA THR A 48 -6.83 -6.06 -1.99
C THR A 48 -6.40 -5.94 -0.53
N LEU A 49 -7.31 -5.43 0.30
CA LEU A 49 -7.02 -5.28 1.72
C LEU A 49 -6.76 -6.62 2.39
N HIS A 50 -7.46 -7.66 1.91
CA HIS A 50 -7.30 -9.00 2.45
C HIS A 50 -5.85 -9.46 2.36
N ALA A 51 -5.33 -9.51 1.13
CA ALA A 51 -3.95 -9.93 0.91
C ALA A 51 -3.00 -9.16 1.81
N CYS A 52 -3.10 -7.83 1.78
CA CYS A 52 -2.24 -6.98 2.59
C CYS A 52 -2.14 -7.52 4.03
N ARG A 53 -3.25 -8.00 4.55
CA ARG A 53 -3.29 -8.54 5.91
C ARG A 53 -2.46 -9.82 6.01
N ALA A 54 -2.74 -10.76 5.11
CA ALA A 54 -2.02 -12.04 5.10
C ALA A 54 -0.72 -11.92 4.33
N ILE A 55 -0.26 -10.68 4.14
CA ILE A 55 0.99 -10.43 3.42
C ILE A 55 2.06 -9.88 4.35
N CYS A 56 1.64 -9.06 5.31
CA CYS A 56 2.57 -8.47 6.27
C CYS A 56 2.27 -8.97 7.69
N ARG A 57 1.00 -9.10 8.01
CA ARG A 57 0.59 -9.56 9.33
C ARG A 57 0.46 -11.09 9.36
N ALA A 58 -0.62 -11.59 8.78
CA ALA A 58 -0.87 -13.03 8.73
C ALA A 58 -0.06 -13.69 7.62
N ILE A 1 11.30 -11.20 5.26
CA ILE A 1 10.82 -10.73 3.97
C ILE A 1 9.40 -10.18 4.08
N GLN A 2 9.15 -9.42 5.14
CA GLN A 2 7.82 -8.83 5.37
C GLN A 2 7.94 -7.35 5.68
N GLY A 3 8.90 -6.99 6.53
CA GLY A 3 9.10 -5.60 6.89
C GLY A 3 9.50 -4.74 5.71
N ASN A 4 10.38 -5.28 4.86
CA ASN A 4 10.84 -4.56 3.69
C ASN A 4 9.67 -4.01 2.88
N ILE A 5 8.68 -4.86 2.62
CA ILE A 5 7.51 -4.46 1.86
C ILE A 5 6.68 -3.42 2.63
N CYS A 6 6.07 -3.86 3.73
CA CYS A 6 5.25 -2.98 4.55
C CYS A 6 6.13 -2.09 5.44
N SER A 7 6.95 -1.26 4.81
CA SER A 7 7.84 -0.37 5.54
C SER A 7 7.60 1.08 5.14
N GLU A 8 7.34 1.31 3.87
CA GLU A 8 7.09 2.64 3.36
C GLU A 8 5.60 2.98 3.38
N PRO A 9 5.27 4.24 3.67
CA PRO A 9 3.89 4.73 3.67
C PRO A 9 3.31 4.80 2.27
N LYS A 10 2.03 5.17 2.18
CA LYS A 10 1.36 5.29 0.90
C LYS A 10 1.70 6.60 0.21
N LYS A 11 1.59 6.61 -1.12
CA LYS A 11 1.90 7.81 -1.90
C LYS A 11 0.91 7.96 -3.05
N VAL A 12 0.30 9.13 -3.15
CA VAL A 12 -0.66 9.41 -4.21
C VAL A 12 0.03 9.50 -5.56
N GLY A 13 1.17 10.17 -5.60
CA GLY A 13 1.92 10.31 -6.84
C GLY A 13 1.16 11.13 -7.87
N ARG A 14 1.88 12.04 -8.53
CA ARG A 14 1.27 12.90 -9.55
C ARG A 14 1.58 12.37 -10.95
N CYS A 15 1.41 11.07 -11.15
CA CYS A 15 1.67 10.44 -12.44
C CYS A 15 0.36 10.22 -13.20
N ARG A 16 0.43 9.37 -14.23
CA ARG A 16 -0.75 9.08 -15.04
C ARG A 16 -1.54 7.92 -14.44
N GLY A 17 -2.31 8.22 -13.39
CA GLY A 17 -3.10 7.20 -12.75
C GLY A 17 -3.97 7.75 -11.62
N SER A 18 -5.21 7.28 -11.54
CA SER A 18 -6.14 7.74 -10.53
C SER A 18 -7.15 6.65 -10.18
N PHE A 19 -6.75 5.74 -9.30
CA PHE A 19 -7.63 4.65 -8.89
C PHE A 19 -7.40 4.30 -7.43
N PRO A 20 -8.41 3.64 -6.82
CA PRO A 20 -8.31 3.18 -5.43
C PRO A 20 -7.33 2.02 -5.27
N ARG A 21 -6.69 1.94 -4.11
CA ARG A 21 -5.73 0.88 -3.83
C ARG A 21 -5.72 0.53 -2.36
N PHE A 22 -4.73 -0.26 -1.94
CA PHE A 22 -4.61 -0.67 -0.54
C PHE A 22 -3.15 -0.63 -0.09
N TYR A 23 -2.93 -0.13 1.12
CA TYR A 23 -1.58 -0.04 1.66
C TYR A 23 -1.59 -0.29 3.17
N PHE A 24 -0.41 -0.56 3.72
CA PHE A 24 -0.27 -0.82 5.15
C PHE A 24 0.25 0.40 5.89
N ASP A 25 -0.50 0.84 6.90
CA ASP A 25 -0.11 2.01 7.68
C ASP A 25 0.74 1.60 8.89
N SER A 26 1.95 2.15 8.97
CA SER A 26 2.85 1.84 10.07
C SER A 26 2.49 2.65 11.31
N GLU A 27 1.43 3.43 11.21
CA GLU A 27 0.99 4.25 12.34
C GLU A 27 0.00 3.49 13.22
N THR A 28 -0.82 2.65 12.59
CA THR A 28 -1.79 1.85 13.31
C THR A 28 -1.52 0.37 13.17
N GLY A 29 -1.00 -0.03 12.01
CA GLY A 29 -0.69 -1.42 11.77
C GLY A 29 -1.82 -2.15 11.05
N LYS A 30 -2.56 -1.41 10.23
CA LYS A 30 -3.67 -1.99 9.47
C LYS A 30 -3.61 -1.57 8.01
N CYS A 31 -4.52 -2.11 7.21
CA CYS A 31 -4.58 -1.79 5.79
C CYS A 31 -5.58 -0.68 5.52
N THR A 32 -5.10 0.43 4.96
CA THR A 32 -5.96 1.57 4.65
C THR A 32 -6.01 1.83 3.15
N PRO A 33 -7.24 1.90 2.61
CA PRO A 33 -7.45 2.21 1.19
C PRO A 33 -7.11 3.65 0.84
N PHE A 34 -6.34 3.83 -0.23
CA PHE A 34 -5.93 5.15 -0.65
C PHE A 34 -5.97 5.27 -2.18
N ILE A 35 -5.52 6.41 -2.70
CA ILE A 35 -5.52 6.65 -4.14
C ILE A 35 -4.12 6.46 -4.72
N TYR A 36 -4.02 5.64 -5.76
CA TYR A 36 -2.74 5.38 -6.40
C TYR A 36 -2.59 6.21 -7.67
N GLY A 37 -1.40 6.79 -7.84
CA GLY A 37 -1.16 7.61 -9.02
C GLY A 37 -0.86 6.78 -10.25
N GLY A 38 -0.93 5.46 -10.11
CA GLY A 38 -0.67 4.57 -11.23
C GLY A 38 0.79 4.17 -11.32
N CYS A 39 1.68 5.16 -11.19
CA CYS A 39 3.12 4.90 -11.27
C CYS A 39 3.60 4.12 -10.05
N GLY A 40 4.58 3.25 -10.26
CA GLY A 40 5.11 2.46 -9.16
C GLY A 40 5.68 3.31 -8.05
N GLY A 41 4.86 3.58 -7.03
CA GLY A 41 5.33 4.39 -5.92
C GLY A 41 6.30 3.65 -5.03
N ASN A 42 5.83 3.20 -3.87
CA ASN A 42 6.68 2.48 -2.93
C ASN A 42 6.40 0.98 -2.98
N GLY A 43 7.18 0.22 -2.22
CA GLY A 43 7.00 -1.22 -2.19
C GLY A 43 5.77 -1.65 -1.42
N ASN A 44 5.22 -0.73 -0.63
CA ASN A 44 4.04 -1.01 0.16
C ASN A 44 2.77 -0.74 -0.64
N ASN A 45 2.40 -1.70 -1.48
CA ASN A 45 1.20 -1.58 -2.30
C ASN A 45 0.48 -2.92 -2.44
N PHE A 46 -0.84 -2.87 -2.50
CA PHE A 46 -1.65 -4.08 -2.62
C PHE A 46 -2.92 -3.81 -3.43
N GLU A 47 -3.37 -4.83 -4.16
CA GLU A 47 -4.57 -4.69 -4.98
C GLU A 47 -5.83 -4.86 -4.14
N THR A 48 -5.74 -5.69 -3.11
CA THR A 48 -6.87 -5.94 -2.22
C THR A 48 -6.47 -5.81 -0.76
N LEU A 49 -7.42 -5.42 0.08
CA LEU A 49 -7.16 -5.25 1.51
C LEU A 49 -6.76 -6.59 2.14
N HIS A 50 -7.33 -7.68 1.64
CA HIS A 50 -7.02 -9.01 2.16
C HIS A 50 -5.54 -9.32 2.01
N ALA A 51 -5.07 -9.38 0.77
CA ALA A 51 -3.67 -9.67 0.50
C ALA A 51 -2.75 -8.80 1.36
N CYS A 52 -3.13 -7.54 1.52
CA CYS A 52 -2.35 -6.60 2.31
C CYS A 52 -2.13 -7.13 3.73
N ARG A 53 -3.18 -7.71 4.30
CA ARG A 53 -3.11 -8.26 5.65
C ARG A 53 -2.44 -9.63 5.65
N ALA A 54 -2.68 -10.40 4.59
CA ALA A 54 -2.10 -11.74 4.47
C ALA A 54 -0.66 -11.66 4.00
N ILE A 55 -0.18 -10.44 3.77
CA ILE A 55 1.19 -10.23 3.31
C ILE A 55 2.01 -9.47 4.36
N CYS A 56 1.33 -8.60 5.10
CA CYS A 56 1.98 -7.81 6.14
C CYS A 56 1.99 -8.55 7.48
N ARG A 57 0.81 -8.77 8.03
CA ARG A 57 0.68 -9.47 9.31
C ARG A 57 0.54 -10.97 9.10
N ALA A 58 -0.63 -11.39 8.64
CA ALA A 58 -0.88 -12.81 8.40
C ALA A 58 -0.17 -13.29 7.13
N ILE A 1 11.92 -11.30 3.76
CA ILE A 1 11.71 -10.42 2.61
C ILE A 1 10.28 -9.92 2.56
N GLN A 2 9.79 -9.41 3.68
CA GLN A 2 8.42 -8.89 3.76
C GLN A 2 8.38 -7.58 4.51
N GLY A 3 9.15 -7.49 5.60
CA GLY A 3 9.19 -6.28 6.39
C GLY A 3 9.47 -5.04 5.56
N ASN A 4 10.46 -5.15 4.67
CA ASN A 4 10.84 -4.03 3.81
C ASN A 4 9.65 -3.56 2.98
N ILE A 5 8.81 -4.50 2.57
CA ILE A 5 7.63 -4.19 1.78
C ILE A 5 6.67 -3.31 2.55
N CYS A 6 6.12 -3.85 3.63
CA CYS A 6 5.18 -3.12 4.47
C CYS A 6 5.92 -2.17 5.41
N SER A 7 6.64 -1.22 4.83
CA SER A 7 7.39 -0.24 5.61
C SER A 7 7.16 1.18 5.11
N GLU A 8 7.07 1.31 3.78
CA GLU A 8 6.84 2.61 3.16
C GLU A 8 5.39 3.04 3.31
N PRO A 9 5.18 4.32 3.65
CA PRO A 9 3.83 4.90 3.78
C PRO A 9 3.14 5.04 2.42
N LYS A 10 1.87 5.39 2.45
CA LYS A 10 1.09 5.58 1.22
C LYS A 10 1.49 6.86 0.51
N LYS A 11 1.41 6.85 -0.81
CA LYS A 11 1.76 8.01 -1.62
C LYS A 11 0.87 8.11 -2.85
N VAL A 12 0.31 9.30 -3.09
CA VAL A 12 -0.56 9.52 -4.23
C VAL A 12 0.23 9.46 -5.53
N GLY A 13 1.39 10.11 -5.55
CA GLY A 13 2.23 10.13 -6.73
C GLY A 13 1.59 10.89 -7.87
N ARG A 14 2.36 11.80 -8.48
CA ARG A 14 1.87 12.60 -9.59
C ARG A 14 2.25 11.98 -10.92
N CYS A 15 1.45 11.03 -11.38
CA CYS A 15 1.71 10.36 -12.65
C CYS A 15 0.41 10.14 -13.42
N ARG A 16 0.47 9.27 -14.44
CA ARG A 16 -0.70 8.98 -15.25
C ARG A 16 -1.51 7.83 -14.66
N GLY A 17 -2.05 8.06 -13.46
CA GLY A 17 -2.84 7.03 -12.81
C GLY A 17 -3.74 7.59 -11.72
N SER A 18 -4.98 7.14 -11.68
CA SER A 18 -5.94 7.60 -10.68
C SER A 18 -6.96 6.51 -10.36
N PHE A 19 -6.59 5.60 -9.47
CA PHE A 19 -7.49 4.52 -9.08
C PHE A 19 -7.29 4.17 -7.60
N PRO A 20 -8.31 3.53 -7.01
CA PRO A 20 -8.26 3.06 -5.62
C PRO A 20 -7.29 1.90 -5.44
N ARG A 21 -6.68 1.83 -4.26
CA ARG A 21 -5.73 0.77 -3.95
C ARG A 21 -5.74 0.44 -2.46
N PHE A 22 -4.73 -0.31 -2.01
CA PHE A 22 -4.63 -0.70 -0.61
C PHE A 22 -3.18 -0.61 -0.13
N TYR A 23 -2.99 0.05 1.01
CA TYR A 23 -1.66 0.20 1.57
C TYR A 23 -1.66 -0.13 3.07
N PHE A 24 -0.48 -0.44 3.59
CA PHE A 24 -0.34 -0.79 5.01
C PHE A 24 0.14 0.42 5.81
N ASP A 25 -0.54 0.70 6.92
CA ASP A 25 -0.19 1.83 7.77
C ASP A 25 0.65 1.36 8.96
N SER A 26 1.90 1.79 9.00
CA SER A 26 2.81 1.41 10.08
C SER A 26 2.60 2.30 11.31
N GLU A 27 1.52 3.07 11.29
CA GLU A 27 1.20 3.98 12.39
C GLU A 27 0.34 3.27 13.43
N THR A 28 -0.53 2.38 12.96
CA THR A 28 -1.41 1.64 13.86
C THR A 28 -1.29 0.14 13.63
N GLY A 29 -1.18 -0.26 12.37
CA GLY A 29 -1.06 -1.67 12.03
C GLY A 29 -2.30 -2.22 11.37
N LYS A 30 -2.84 -1.47 10.41
CA LYS A 30 -4.03 -1.88 9.70
C LYS A 30 -3.99 -1.42 8.24
N CYS A 31 -4.57 -2.21 7.35
CA CYS A 31 -4.60 -1.88 5.93
C CYS A 31 -5.64 -0.81 5.65
N THR A 32 -5.23 0.24 4.95
CA THR A 32 -6.13 1.34 4.61
C THR A 32 -6.11 1.62 3.11
N PRO A 33 -7.31 1.71 2.52
CA PRO A 33 -7.46 2.04 1.10
C PRO A 33 -7.09 3.49 0.79
N PHE A 34 -6.42 3.70 -0.34
CA PHE A 34 -6.01 5.04 -0.74
C PHE A 34 -5.96 5.16 -2.26
N ILE A 35 -5.71 6.37 -2.74
CA ILE A 35 -5.63 6.61 -4.18
C ILE A 35 -4.21 6.42 -4.70
N TYR A 36 -4.08 5.62 -5.75
CA TYR A 36 -2.77 5.35 -6.34
C TYR A 36 -2.57 6.18 -7.60
N GLY A 37 -1.37 6.72 -7.76
CA GLY A 37 -1.06 7.53 -8.93
C GLY A 37 -0.72 6.69 -10.15
N GLY A 38 -0.77 5.36 -9.98
CA GLY A 38 -0.47 4.47 -11.07
C GLY A 38 1.00 4.07 -11.11
N CYS A 39 1.87 5.06 -11.07
CA CYS A 39 3.31 4.81 -11.09
C CYS A 39 3.77 4.17 -9.79
N GLY A 40 4.64 3.16 -9.91
CA GLY A 40 5.14 2.47 -8.74
C GLY A 40 5.66 3.43 -7.68
N GLY A 41 4.89 3.60 -6.61
CA GLY A 41 5.29 4.51 -5.54
C GLY A 41 6.56 4.06 -4.87
N ASN A 42 6.44 3.49 -3.67
CA ASN A 42 7.59 3.03 -2.92
C ASN A 42 7.71 1.50 -2.98
N GLY A 43 6.63 0.82 -2.63
CA GLY A 43 6.63 -0.63 -2.67
C GLY A 43 5.52 -1.23 -1.84
N ASN A 44 5.01 -0.46 -0.89
CA ASN A 44 3.93 -0.92 -0.01
C ASN A 44 2.57 -0.69 -0.67
N ASN A 45 2.18 -1.59 -1.56
CA ASN A 45 0.90 -1.48 -2.25
C ASN A 45 0.27 -2.85 -2.44
N PHE A 46 -1.06 -2.89 -2.49
CA PHE A 46 -1.79 -4.14 -2.67
C PHE A 46 -3.05 -3.92 -3.49
N GLU A 47 -3.49 -4.95 -4.19
CA GLU A 47 -4.70 -4.88 -5.00
C GLU A 47 -5.96 -5.04 -4.15
N THR A 48 -5.85 -5.89 -3.12
CA THR A 48 -6.98 -6.14 -2.23
C THR A 48 -6.57 -5.96 -0.77
N LEU A 49 -7.53 -5.57 0.06
CA LEU A 49 -7.27 -5.37 1.48
C LEU A 49 -6.89 -6.67 2.16
N HIS A 50 -7.58 -7.74 1.80
CA HIS A 50 -7.32 -9.06 2.37
C HIS A 50 -5.84 -9.41 2.28
N ALA A 51 -5.33 -9.49 1.06
CA ALA A 51 -3.92 -9.81 0.83
C ALA A 51 -3.01 -8.93 1.68
N CYS A 52 -3.27 -7.62 1.65
CA CYS A 52 -2.47 -6.68 2.42
C CYS A 52 -2.32 -7.14 3.87
N ARG A 53 -3.37 -7.76 4.39
CA ARG A 53 -3.36 -8.25 5.76
C ARG A 53 -2.59 -9.56 5.87
N ALA A 54 -2.80 -10.45 4.91
CA ALA A 54 -2.13 -11.74 4.89
C ALA A 54 -0.74 -11.62 4.28
N ILE A 55 -0.27 -10.38 4.11
CA ILE A 55 1.05 -10.14 3.54
C ILE A 55 1.91 -9.32 4.50
N CYS A 56 1.28 -8.51 5.33
CA CYS A 56 1.99 -7.68 6.30
C CYS A 56 1.99 -8.34 7.67
N ARG A 57 0.86 -8.28 8.35
CA ARG A 57 0.73 -8.87 9.68
C ARG A 57 0.32 -10.34 9.59
N ALA A 58 -0.91 -10.58 9.16
CA ALA A 58 -1.42 -11.94 9.03
C ALA A 58 -0.73 -12.68 7.90
N ILE A 1 11.03 -11.63 3.81
CA ILE A 1 10.77 -10.77 2.66
C ILE A 1 9.42 -10.10 2.77
N GLN A 2 9.12 -9.55 3.94
CA GLN A 2 7.86 -8.87 4.18
C GLN A 2 8.08 -7.49 4.80
N GLY A 3 9.06 -7.41 5.69
CA GLY A 3 9.36 -6.15 6.34
C GLY A 3 9.61 -5.03 5.35
N ASN A 4 10.49 -5.28 4.38
CA ASN A 4 10.82 -4.28 3.38
C ASN A 4 9.56 -3.78 2.67
N ILE A 5 8.59 -4.68 2.49
CA ILE A 5 7.34 -4.33 1.83
C ILE A 5 6.49 -3.42 2.72
N CYS A 6 6.00 -3.98 3.82
CA CYS A 6 5.17 -3.23 4.76
C CYS A 6 6.03 -2.37 5.68
N SER A 7 6.82 -1.48 5.08
CA SER A 7 7.69 -0.59 5.84
C SER A 7 7.58 0.85 5.34
N GLU A 8 7.49 1.00 4.03
CA GLU A 8 7.39 2.31 3.41
C GLU A 8 5.97 2.85 3.49
N PRO A 9 5.84 4.16 3.67
CA PRO A 9 4.53 4.84 3.71
C PRO A 9 3.85 4.85 2.34
N LYS A 10 2.57 5.22 2.32
CA LYS A 10 1.81 5.28 1.07
C LYS A 10 2.11 6.57 0.31
N LYS A 11 2.01 6.50 -1.00
CA LYS A 11 2.27 7.67 -1.85
C LYS A 11 1.37 7.65 -3.08
N VAL A 12 0.47 8.63 -3.18
CA VAL A 12 -0.43 8.71 -4.32
C VAL A 12 0.31 9.11 -5.58
N GLY A 13 1.34 9.94 -5.43
CA GLY A 13 2.12 10.38 -6.57
C GLY A 13 1.35 11.33 -7.47
N ARG A 14 1.98 11.74 -8.56
CA ARG A 14 1.35 12.66 -9.50
C ARG A 14 1.69 12.29 -10.94
N CYS A 15 0.94 11.35 -11.50
CA CYS A 15 1.16 10.89 -12.87
C CYS A 15 -0.16 10.65 -13.58
N ARG A 16 -0.11 9.92 -14.69
CA ARG A 16 -1.30 9.62 -15.46
C ARG A 16 -2.00 8.36 -14.93
N GLY A 17 -2.56 8.46 -13.74
CA GLY A 17 -3.24 7.33 -13.15
C GLY A 17 -3.82 7.65 -11.78
N SER A 18 -5.08 7.28 -11.56
CA SER A 18 -5.74 7.53 -10.29
C SER A 18 -6.81 6.49 -10.02
N PHE A 19 -6.44 5.44 -9.27
CA PHE A 19 -7.36 4.38 -8.94
C PHE A 19 -7.26 4.01 -7.46
N PRO A 20 -8.30 3.33 -6.95
CA PRO A 20 -8.32 2.85 -5.56
C PRO A 20 -7.33 1.70 -5.33
N ARG A 21 -6.54 1.83 -4.27
CA ARG A 21 -5.56 0.81 -3.94
C ARG A 21 -5.57 0.51 -2.44
N PHE A 22 -4.61 -0.28 -1.99
CA PHE A 22 -4.51 -0.65 -0.58
C PHE A 22 -3.06 -0.59 -0.11
N TYR A 23 -2.86 -0.10 1.11
CA TYR A 23 -1.52 0.00 1.69
C TYR A 23 -1.55 -0.30 3.18
N PHE A 24 -0.36 -0.54 3.74
CA PHE A 24 -0.24 -0.84 5.17
C PHE A 24 0.23 0.39 5.94
N ASP A 25 -0.53 0.77 6.97
CA ASP A 25 -0.19 1.93 7.78
C ASP A 25 0.58 1.50 9.03
N SER A 26 1.83 1.94 9.15
CA SER A 26 2.65 1.61 10.29
C SER A 26 2.33 2.49 11.49
N GLU A 27 1.35 3.37 11.31
CA GLU A 27 0.92 4.27 12.38
C GLU A 27 -0.16 3.63 13.24
N THR A 28 -1.00 2.82 12.62
CA THR A 28 -2.08 2.14 13.33
C THR A 28 -1.95 0.63 13.22
N GLY A 29 -1.49 0.16 12.07
CA GLY A 29 -1.32 -1.27 11.87
C GLY A 29 -2.50 -1.90 11.14
N LYS A 30 -3.13 -1.11 10.27
CA LYS A 30 -4.28 -1.59 9.51
C LYS A 30 -4.17 -1.18 8.05
N CYS A 31 -4.78 -1.96 7.17
CA CYS A 31 -4.75 -1.68 5.74
C CYS A 31 -5.78 -0.61 5.38
N THR A 32 -5.29 0.51 4.83
CA THR A 32 -6.17 1.61 4.44
C THR A 32 -6.22 1.76 2.92
N PRO A 33 -7.44 1.78 2.37
CA PRO A 33 -7.66 1.98 0.94
C PRO A 33 -7.33 3.40 0.50
N PHE A 34 -6.14 3.57 -0.09
CA PHE A 34 -5.71 4.89 -0.56
C PHE A 34 -5.79 4.97 -2.09
N ILE A 35 -5.25 6.06 -2.63
CA ILE A 35 -5.26 6.26 -4.07
C ILE A 35 -3.86 6.13 -4.66
N TYR A 36 -3.73 5.33 -5.72
CA TYR A 36 -2.45 5.13 -6.38
C TYR A 36 -2.33 5.99 -7.63
N GLY A 37 -1.13 6.49 -7.88
CA GLY A 37 -0.90 7.32 -9.06
C GLY A 37 -0.81 6.51 -10.33
N GLY A 38 -0.58 5.20 -10.18
CA GLY A 38 -0.47 4.34 -11.35
C GLY A 38 0.95 4.21 -11.85
N CYS A 39 1.68 5.33 -11.83
CA CYS A 39 3.07 5.34 -12.29
C CYS A 39 3.95 4.55 -11.35
N GLY A 40 3.62 4.56 -10.07
CA GLY A 40 4.40 3.84 -9.08
C GLY A 40 4.75 4.69 -7.87
N GLY A 41 4.92 4.04 -6.72
CA GLY A 41 5.25 4.77 -5.51
C GLY A 41 6.27 4.03 -4.65
N ASN A 42 5.80 3.47 -3.54
CA ASN A 42 6.67 2.73 -2.63
C ASN A 42 6.43 1.22 -2.75
N GLY A 43 7.27 0.45 -2.08
CA GLY A 43 7.14 -1.00 -2.11
C GLY A 43 5.92 -1.49 -1.35
N ASN A 44 5.35 -0.61 -0.52
CA ASN A 44 4.18 -0.96 0.27
C ASN A 44 2.90 -0.73 -0.51
N ASN A 45 2.55 -1.69 -1.35
CA ASN A 45 1.33 -1.60 -2.17
C ASN A 45 0.63 -2.94 -2.24
N PHE A 46 -0.70 -2.90 -2.35
CA PHE A 46 -1.51 -4.11 -2.43
C PHE A 46 -2.74 -3.89 -3.29
N GLU A 47 -3.15 -4.93 -4.01
CA GLU A 47 -4.32 -4.84 -4.87
C GLU A 47 -5.61 -5.03 -4.07
N THR A 48 -5.54 -5.87 -3.04
CA THR A 48 -6.70 -6.13 -2.19
C THR A 48 -6.36 -5.92 -0.72
N LEU A 49 -7.36 -5.56 0.07
CA LEU A 49 -7.17 -5.32 1.49
C LEU A 49 -6.76 -6.61 2.20
N HIS A 50 -7.31 -7.74 1.76
CA HIS A 50 -6.99 -9.03 2.35
C HIS A 50 -5.50 -9.31 2.26
N ALA A 51 -5.00 -9.42 1.04
CA ALA A 51 -3.58 -9.69 0.83
C ALA A 51 -2.71 -8.79 1.69
N CYS A 52 -3.05 -7.51 1.75
CA CYS A 52 -2.30 -6.55 2.55
C CYS A 52 -2.15 -7.04 3.98
N ARG A 53 -3.23 -7.58 4.53
CA ARG A 53 -3.20 -8.09 5.90
C ARG A 53 -2.58 -9.48 5.96
N ALA A 54 -2.77 -10.26 4.91
CA ALA A 54 -2.22 -11.61 4.84
C ALA A 54 -0.75 -11.58 4.45
N ILE A 55 -0.21 -10.37 4.26
CA ILE A 55 1.19 -10.21 3.88
C ILE A 55 1.96 -9.46 4.97
N CYS A 56 1.29 -8.55 5.66
CA CYS A 56 1.91 -7.77 6.72
C CYS A 56 1.63 -8.39 8.08
N ARG A 57 0.37 -8.73 8.34
CA ARG A 57 -0.02 -9.34 9.60
C ARG A 57 0.08 -10.85 9.53
N ALA A 58 -0.89 -11.48 8.86
CA ALA A 58 -0.90 -12.93 8.71
C ALA A 58 0.14 -13.39 7.72
N ILE A 1 10.90 -11.42 1.00
CA ILE A 1 10.94 -10.55 2.16
C ILE A 1 9.61 -9.84 2.36
N GLN A 2 9.25 -9.59 3.61
CA GLN A 2 8.00 -8.91 3.93
C GLN A 2 8.27 -7.58 4.64
N GLY A 3 9.31 -7.56 5.46
CA GLY A 3 9.66 -6.34 6.19
C GLY A 3 9.81 -5.15 5.27
N ASN A 4 10.66 -5.28 4.25
CA ASN A 4 10.89 -4.20 3.30
C ASN A 4 9.58 -3.72 2.68
N ILE A 5 8.69 -4.67 2.41
CA ILE A 5 7.40 -4.35 1.82
C ILE A 5 6.62 -3.38 2.69
N CYS A 6 6.17 -3.85 3.85
CA CYS A 6 5.42 -3.01 4.77
C CYS A 6 6.35 -2.09 5.57
N SER A 7 7.10 -1.26 4.86
CA SER A 7 8.04 -0.34 5.50
C SER A 7 7.81 1.09 5.01
N GLU A 8 7.49 1.22 3.73
CA GLU A 8 7.24 2.53 3.14
C GLU A 8 5.77 2.93 3.28
N PRO A 9 5.52 4.21 3.57
CA PRO A 9 4.16 4.75 3.67
C PRO A 9 3.47 4.83 2.32
N LYS A 10 2.23 5.28 2.33
CA LYS A 10 1.44 5.40 1.10
C LYS A 10 1.83 6.66 0.33
N LYS A 11 1.70 6.61 -0.99
CA LYS A 11 2.03 7.75 -1.83
C LYS A 11 1.16 7.77 -3.08
N VAL A 12 0.53 8.91 -3.34
CA VAL A 12 -0.34 9.06 -4.50
C VAL A 12 0.48 9.23 -5.78
N GLY A 13 1.14 10.38 -5.91
CA GLY A 13 1.94 10.64 -7.09
C GLY A 13 1.18 11.36 -8.17
N ARG A 14 1.85 12.26 -8.88
CA ARG A 14 1.22 13.02 -9.95
C ARG A 14 1.58 12.44 -11.32
N CYS A 15 1.40 11.13 -11.46
CA CYS A 15 1.70 10.45 -12.71
C CYS A 15 0.43 10.18 -13.51
N ARG A 16 0.54 9.34 -14.53
CA ARG A 16 -0.60 9.01 -15.38
C ARG A 16 -1.37 7.82 -14.79
N GLY A 17 -2.11 8.07 -13.72
CA GLY A 17 -2.89 7.02 -13.09
C GLY A 17 -3.49 7.45 -11.77
N SER A 18 -4.77 7.15 -11.57
CA SER A 18 -5.46 7.51 -10.34
C SER A 18 -6.58 6.52 -10.03
N PHE A 19 -6.25 5.51 -9.22
CA PHE A 19 -7.22 4.49 -8.85
C PHE A 19 -7.09 4.14 -7.37
N PRO A 20 -8.15 3.54 -6.80
CA PRO A 20 -8.15 3.09 -5.41
C PRO A 20 -7.24 1.88 -5.20
N ARG A 21 -6.36 1.99 -4.21
CA ARG A 21 -5.43 0.91 -3.90
C ARG A 21 -5.46 0.57 -2.41
N PHE A 22 -4.50 -0.23 -1.97
CA PHE A 22 -4.43 -0.63 -0.56
C PHE A 22 -2.98 -0.60 -0.08
N TYR A 23 -2.80 -0.25 1.19
CA TYR A 23 -1.47 -0.17 1.79
C TYR A 23 -1.53 -0.43 3.29
N PHE A 24 -0.37 -0.65 3.89
CA PHE A 24 -0.28 -0.92 5.32
C PHE A 24 0.13 0.34 6.09
N ASP A 25 -0.70 0.77 7.02
CA ASP A 25 -0.41 1.95 7.83
C ASP A 25 0.39 1.59 9.07
N SER A 26 1.57 2.17 9.21
CA SER A 26 2.43 1.90 10.36
C SER A 26 2.00 2.73 11.56
N GLU A 27 0.91 3.48 11.40
CA GLU A 27 0.40 4.32 12.48
C GLU A 27 -0.59 3.55 13.34
N THR A 28 -1.35 2.67 12.71
CA THR A 28 -2.35 1.87 13.42
C THR A 28 -2.03 0.38 13.33
N GLY A 29 -1.42 -0.02 12.20
CA GLY A 29 -1.08 -1.41 12.01
C GLY A 29 -2.12 -2.17 11.20
N LYS A 30 -2.98 -1.43 10.50
CA LYS A 30 -4.03 -2.03 9.69
C LYS A 30 -3.98 -1.51 8.27
N CYS A 31 -4.50 -2.29 7.32
CA CYS A 31 -4.52 -1.91 5.92
C CYS A 31 -5.55 -0.80 5.67
N THR A 32 -5.16 0.19 4.89
CA THR A 32 -6.03 1.31 4.58
C THR A 32 -6.01 1.63 3.09
N PRO A 33 -7.20 1.81 2.50
CA PRO A 33 -7.34 2.19 1.09
C PRO A 33 -6.89 3.63 0.83
N PHE A 34 -6.54 3.91 -0.42
CA PHE A 34 -6.10 5.24 -0.80
C PHE A 34 -6.03 5.38 -2.31
N ILE A 35 -5.49 6.50 -2.78
CA ILE A 35 -5.37 6.76 -4.21
C ILE A 35 -3.95 6.50 -4.70
N TYR A 36 -3.82 5.66 -5.72
CA TYR A 36 -2.51 5.32 -6.27
C TYR A 36 -2.25 6.10 -7.56
N GLY A 37 -0.99 6.44 -7.80
CA GLY A 37 -0.63 7.18 -8.99
C GLY A 37 -0.53 6.29 -10.22
N GLY A 38 -0.34 4.99 -9.99
CA GLY A 38 -0.24 4.05 -11.10
C GLY A 38 1.20 3.85 -11.54
N CYS A 39 1.97 4.93 -11.57
CA CYS A 39 3.36 4.86 -11.98
C CYS A 39 4.20 4.11 -10.95
N GLY A 40 3.84 4.26 -9.68
CA GLY A 40 4.57 3.58 -8.62
C GLY A 40 5.01 4.53 -7.53
N GLY A 41 4.44 4.38 -6.34
CA GLY A 41 4.79 5.24 -5.23
C GLY A 41 5.75 4.58 -4.27
N ASN A 42 5.38 3.41 -3.77
CA ASN A 42 6.21 2.67 -2.84
C ASN A 42 6.02 1.16 -3.01
N GLY A 43 6.68 0.39 -2.15
CA GLY A 43 6.58 -1.07 -2.22
C GLY A 43 5.51 -1.61 -1.28
N ASN A 44 4.95 -0.74 -0.46
CA ASN A 44 3.92 -1.14 0.49
C ASN A 44 2.53 -1.02 -0.14
N ASN A 45 2.42 -1.42 -1.39
CA ASN A 45 1.15 -1.36 -2.11
C ASN A 45 0.51 -2.74 -2.20
N PHE A 46 -0.82 -2.77 -2.33
CA PHE A 46 -1.56 -4.02 -2.43
C PHE A 46 -2.79 -3.86 -3.30
N GLU A 47 -3.21 -4.95 -3.94
CA GLU A 47 -4.38 -4.92 -4.81
C GLU A 47 -5.67 -5.04 -3.99
N THR A 48 -5.62 -5.86 -2.95
CA THR A 48 -6.78 -6.08 -2.08
C THR A 48 -6.41 -5.89 -0.61
N LEU A 49 -7.39 -5.50 0.19
CA LEU A 49 -7.16 -5.28 1.61
C LEU A 49 -6.83 -6.60 2.32
N HIS A 50 -7.54 -7.66 1.95
CA HIS A 50 -7.31 -8.98 2.54
C HIS A 50 -5.84 -9.37 2.44
N ALA A 51 -5.34 -9.48 1.21
CA ALA A 51 -3.95 -9.84 0.98
C ALA A 51 -3.01 -9.00 1.83
N CYS A 52 -3.22 -7.69 1.83
CA CYS A 52 -2.40 -6.78 2.61
C CYS A 52 -2.27 -7.25 4.05
N ARG A 53 -3.36 -7.77 4.59
CA ARG A 53 -3.37 -8.27 5.96
C ARG A 53 -2.69 -9.64 6.06
N ALA A 54 -2.86 -10.44 5.02
CA ALA A 54 -2.27 -11.78 4.99
C ALA A 54 -0.81 -11.72 4.57
N ILE A 55 -0.30 -10.50 4.36
CA ILE A 55 1.07 -10.31 3.96
C ILE A 55 1.83 -9.46 4.98
N CYS A 56 1.13 -8.53 5.60
CA CYS A 56 1.74 -7.65 6.60
C CYS A 56 1.51 -8.19 8.00
N ARG A 57 0.27 -8.57 8.29
CA ARG A 57 -0.08 -9.11 9.60
C ARG A 57 0.10 -10.62 9.64
N ALA A 58 -0.16 -11.28 8.51
CA ALA A 58 -0.01 -12.72 8.42
C ALA A 58 0.59 -13.13 7.09
N ILE A 1 10.01 -12.71 3.31
CA ILE A 1 10.01 -11.48 4.08
C ILE A 1 8.85 -10.58 3.69
N GLN A 2 8.21 -9.98 4.69
CA GLN A 2 7.08 -9.09 4.45
C GLN A 2 7.39 -7.67 4.92
N GLY A 3 8.08 -7.57 6.06
CA GLY A 3 8.43 -6.27 6.59
C GLY A 3 9.12 -5.39 5.57
N ASN A 4 9.82 -6.01 4.63
CA ASN A 4 10.52 -5.27 3.59
C ASN A 4 9.60 -4.26 2.91
N ILE A 5 8.71 -4.75 2.05
CA ILE A 5 7.78 -3.90 1.34
C ILE A 5 7.04 -2.98 2.31
N CYS A 6 6.67 -3.52 3.47
CA CYS A 6 5.95 -2.74 4.48
C CYS A 6 6.91 -1.87 5.28
N SER A 7 7.63 -0.99 4.57
CA SER A 7 8.59 -0.10 5.22
C SER A 7 8.31 1.35 4.86
N GLU A 8 7.83 1.58 3.64
CA GLU A 8 7.51 2.92 3.17
C GLU A 8 6.01 3.20 3.28
N PRO A 9 5.67 4.45 3.60
CA PRO A 9 4.27 4.88 3.68
C PRO A 9 3.60 4.94 2.31
N LYS A 10 2.30 5.22 2.30
CA LYS A 10 1.55 5.30 1.05
C LYS A 10 1.94 6.55 0.25
N LYS A 11 1.85 6.45 -1.07
CA LYS A 11 2.20 7.56 -1.94
C LYS A 11 1.27 7.60 -3.16
N VAL A 12 0.41 8.60 -3.22
CA VAL A 12 -0.51 8.75 -4.33
C VAL A 12 0.21 9.18 -5.60
N GLY A 13 1.11 10.15 -5.46
CA GLY A 13 1.86 10.63 -6.60
C GLY A 13 0.97 11.30 -7.64
N ARG A 14 1.52 12.28 -8.35
CA ARG A 14 0.77 13.00 -9.37
C ARG A 14 1.16 12.51 -10.77
N CYS A 15 0.93 11.22 -11.02
CA CYS A 15 1.24 10.61 -12.30
C CYS A 15 -0.01 10.47 -13.16
N ARG A 16 0.09 9.68 -14.22
CA ARG A 16 -1.04 9.46 -15.11
C ARG A 16 -1.90 8.30 -14.64
N GLY A 17 -2.29 8.34 -13.37
CA GLY A 17 -3.12 7.29 -12.80
C GLY A 17 -3.82 7.72 -11.53
N SER A 18 -5.07 7.29 -11.38
CA SER A 18 -5.86 7.64 -10.21
C SER A 18 -6.90 6.57 -9.90
N PHE A 19 -6.42 5.43 -9.40
CA PHE A 19 -7.30 4.31 -9.06
C PHE A 19 -7.18 3.94 -7.59
N PRO A 20 -8.18 3.23 -7.07
CA PRO A 20 -8.17 2.75 -5.69
C PRO A 20 -7.15 1.63 -5.47
N ARG A 21 -6.52 1.63 -4.30
CA ARG A 21 -5.51 0.63 -3.97
C ARG A 21 -5.52 0.33 -2.48
N PHE A 22 -4.49 -0.37 -2.02
CA PHE A 22 -4.38 -0.73 -0.61
C PHE A 22 -2.93 -0.66 -0.15
N TYR A 23 -2.73 -0.13 1.06
CA TYR A 23 -1.39 0.00 1.62
C TYR A 23 -1.39 -0.30 3.12
N PHE A 24 -0.21 -0.55 3.68
CA PHE A 24 -0.08 -0.84 5.09
C PHE A 24 0.33 0.41 5.87
N ASP A 25 -0.46 0.76 6.87
CA ASP A 25 -0.19 1.93 7.70
C ASP A 25 0.62 1.55 8.93
N SER A 26 1.84 2.06 9.00
CA SER A 26 2.72 1.77 10.13
C SER A 26 2.38 2.65 11.32
N GLU A 27 1.34 3.47 11.18
CA GLU A 27 0.92 4.36 12.24
C GLU A 27 -0.08 3.68 13.17
N THR A 28 -0.91 2.82 12.59
CA THR A 28 -1.92 2.09 13.37
C THR A 28 -1.72 0.58 13.26
N GLY A 29 -1.23 0.14 12.10
CA GLY A 29 -1.00 -1.28 11.89
C GLY A 29 -2.15 -1.94 11.16
N LYS A 30 -2.83 -1.18 10.31
CA LYS A 30 -3.96 -1.71 9.55
C LYS A 30 -3.90 -1.24 8.09
N CYS A 31 -4.39 -2.07 7.19
CA CYS A 31 -4.40 -1.74 5.77
C CYS A 31 -5.45 -0.69 5.46
N THR A 32 -5.01 0.41 4.86
CA THR A 32 -5.92 1.50 4.51
C THR A 32 -5.95 1.73 3.00
N PRO A 33 -7.16 1.79 2.44
CA PRO A 33 -7.36 2.07 1.01
C PRO A 33 -7.01 3.51 0.64
N PHE A 34 -6.37 3.68 -0.51
CA PHE A 34 -5.98 5.01 -0.98
C PHE A 34 -5.87 5.04 -2.50
N ILE A 35 -5.67 6.23 -3.03
CA ILE A 35 -5.56 6.41 -4.48
C ILE A 35 -4.11 6.26 -4.94
N TYR A 36 -3.90 5.44 -5.97
CA TYR A 36 -2.56 5.22 -6.50
C TYR A 36 -2.33 6.04 -7.77
N GLY A 37 -1.11 6.53 -7.93
CA GLY A 37 -0.78 7.32 -9.10
C GLY A 37 -0.59 6.48 -10.35
N GLY A 38 -0.41 5.17 -10.15
CA GLY A 38 -0.22 4.28 -11.27
C GLY A 38 1.24 4.10 -11.64
N CYS A 39 1.98 5.20 -11.62
CA CYS A 39 3.40 5.17 -11.95
C CYS A 39 4.20 4.44 -10.88
N GLY A 40 3.72 4.51 -9.63
CA GLY A 40 4.41 3.86 -8.54
C GLY A 40 4.91 4.83 -7.50
N GLY A 41 4.43 4.69 -6.27
CA GLY A 41 4.85 5.57 -5.20
C GLY A 41 5.91 4.94 -4.31
N ASN A 42 5.62 3.75 -3.80
CA ASN A 42 6.54 3.05 -2.93
C ASN A 42 6.39 1.54 -3.08
N GLY A 43 7.14 0.79 -2.28
CA GLY A 43 7.07 -0.66 -2.33
C GLY A 43 5.92 -1.22 -1.51
N ASN A 44 5.36 -0.39 -0.63
CA ASN A 44 4.26 -0.81 0.21
C ASN A 44 2.93 -0.61 -0.49
N ASN A 45 2.56 -1.57 -1.34
CA ASN A 45 1.30 -1.50 -2.08
C ASN A 45 0.64 -2.87 -2.16
N PHE A 46 -0.68 -2.88 -2.36
CA PHE A 46 -1.43 -4.12 -2.47
C PHE A 46 -2.65 -3.94 -3.36
N GLU A 47 -3.01 -5.01 -4.07
CA GLU A 47 -4.16 -4.98 -4.97
C GLU A 47 -5.46 -5.16 -4.20
N THR A 48 -5.41 -5.96 -3.14
CA THR A 48 -6.57 -6.21 -2.31
C THR A 48 -6.25 -6.07 -0.83
N LEU A 49 -7.21 -5.56 -0.06
CA LEU A 49 -7.03 -5.36 1.37
C LEU A 49 -6.74 -6.69 2.07
N HIS A 50 -7.50 -7.73 1.70
CA HIS A 50 -7.34 -9.05 2.28
C HIS A 50 -5.87 -9.47 2.26
N ALA A 51 -5.28 -9.46 1.07
CA ALA A 51 -3.88 -9.85 0.91
C ALA A 51 -2.99 -9.09 1.88
N CYS A 52 -3.05 -7.76 1.83
CA CYS A 52 -2.25 -6.92 2.71
C CYS A 52 -2.28 -7.46 4.14
N ARG A 53 -3.41 -8.03 4.53
CA ARG A 53 -3.56 -8.58 5.88
C ARG A 53 -2.80 -9.89 6.03
N ALA A 54 -3.09 -10.84 5.15
CA ALA A 54 -2.42 -12.14 5.18
C ALA A 54 -1.09 -12.08 4.44
N ILE A 55 -0.53 -10.89 4.34
CA ILE A 55 0.75 -10.71 3.66
C ILE A 55 1.72 -9.91 4.54
N CYS A 56 1.19 -8.94 5.27
CA CYS A 56 2.01 -8.11 6.15
C CYS A 56 1.59 -8.27 7.61
N ARG A 57 0.30 -8.51 7.81
CA ARG A 57 -0.24 -8.68 9.16
C ARG A 57 -0.15 -10.14 9.60
N ALA A 58 -0.12 -11.04 8.63
CA ALA A 58 -0.03 -12.47 8.92
C ALA A 58 1.33 -12.83 9.49
N ILE A 1 10.86 -11.24 3.89
CA ILE A 1 10.39 -10.36 2.83
C ILE A 1 8.97 -9.86 3.12
N GLN A 2 8.74 -9.40 4.35
CA GLN A 2 7.43 -8.92 4.75
C GLN A 2 7.55 -7.57 5.45
N GLY A 3 8.47 -7.48 6.41
CA GLY A 3 8.67 -6.24 7.13
C GLY A 3 9.11 -5.10 6.23
N ASN A 4 9.92 -5.42 5.23
CA ASN A 4 10.43 -4.42 4.30
C ASN A 4 9.30 -3.90 3.41
N ILE A 5 8.38 -4.78 3.05
CA ILE A 5 7.25 -4.41 2.20
C ILE A 5 6.35 -3.38 2.89
N CYS A 6 5.76 -3.79 4.01
CA CYS A 6 4.88 -2.91 4.77
C CYS A 6 5.69 -1.95 5.64
N SER A 7 6.56 -1.17 4.99
CA SER A 7 7.39 -0.21 5.70
C SER A 7 7.23 1.19 5.12
N GLU A 8 7.26 1.28 3.80
CA GLU A 8 7.12 2.56 3.11
C GLU A 8 5.69 3.09 3.23
N PRO A 9 5.56 4.40 3.48
CA PRO A 9 4.25 5.07 3.56
C PRO A 9 3.57 5.15 2.20
N LYS A 10 2.26 5.39 2.22
CA LYS A 10 1.49 5.50 0.98
C LYS A 10 1.87 6.76 0.21
N LYS A 11 1.87 6.66 -1.11
CA LYS A 11 2.21 7.80 -1.96
C LYS A 11 1.37 7.80 -3.22
N VAL A 12 0.58 8.86 -3.40
CA VAL A 12 -0.28 8.99 -4.56
C VAL A 12 0.54 9.22 -5.83
N GLY A 13 1.54 10.10 -5.72
CA GLY A 13 2.38 10.39 -6.87
C GLY A 13 1.63 11.08 -7.99
N ARG A 14 2.31 11.95 -8.72
CA ARG A 14 1.69 12.67 -9.82
C ARG A 14 2.06 12.04 -11.16
N CYS A 15 1.29 11.04 -11.57
CA CYS A 15 1.53 10.36 -12.83
C CYS A 15 0.22 10.06 -13.56
N ARG A 16 0.28 9.17 -14.53
CA ARG A 16 -0.90 8.81 -15.30
C ARG A 16 -1.65 7.66 -14.64
N GLY A 17 -2.38 7.97 -13.57
CA GLY A 17 -3.13 6.96 -12.85
C GLY A 17 -4.06 7.55 -11.81
N SER A 18 -5.27 7.01 -11.73
CA SER A 18 -6.26 7.50 -10.77
C SER A 18 -7.23 6.38 -10.38
N PHE A 19 -6.80 5.55 -9.42
CA PHE A 19 -7.61 4.45 -8.95
C PHE A 19 -7.34 4.16 -7.48
N PRO A 20 -8.32 3.53 -6.80
CA PRO A 20 -8.18 3.12 -5.40
C PRO A 20 -7.17 1.98 -5.22
N ARG A 21 -6.44 2.01 -4.12
CA ARG A 21 -5.45 0.97 -3.84
C ARG A 21 -5.44 0.62 -2.35
N PHE A 22 -4.45 -0.16 -1.93
CA PHE A 22 -4.34 -0.56 -0.54
C PHE A 22 -2.89 -0.48 -0.07
N TYR A 23 -2.70 -0.11 1.19
CA TYR A 23 -1.37 0.01 1.77
C TYR A 23 -1.40 -0.21 3.27
N PHE A 24 -0.23 -0.47 3.85
CA PHE A 24 -0.13 -0.72 5.29
C PHE A 24 0.39 0.53 6.00
N ASP A 25 -0.40 1.03 6.95
CA ASP A 25 -0.03 2.21 7.71
C ASP A 25 0.76 1.83 8.96
N SER A 26 1.93 2.44 9.11
CA SER A 26 2.79 2.17 10.27
C SER A 26 2.33 2.95 11.49
N GLU A 27 1.24 3.70 11.33
CA GLU A 27 0.71 4.50 12.42
C GLU A 27 -0.29 3.71 13.24
N THR A 28 -1.03 2.82 12.57
CA THR A 28 -2.03 2.00 13.24
C THR A 28 -1.70 0.52 13.09
N GLY A 29 -1.08 0.17 11.96
CA GLY A 29 -0.73 -1.23 11.72
C GLY A 29 -1.83 -2.00 11.03
N LYS A 30 -2.61 -1.31 10.19
CA LYS A 30 -3.71 -1.93 9.47
C LYS A 30 -3.74 -1.46 8.02
N CYS A 31 -4.23 -2.31 7.13
CA CYS A 31 -4.31 -1.99 5.72
C CYS A 31 -5.37 -0.92 5.47
N THR A 32 -4.95 0.22 4.95
CA THR A 32 -5.86 1.33 4.67
C THR A 32 -5.89 1.65 3.17
N PRO A 33 -7.10 1.80 2.62
CA PRO A 33 -7.29 2.17 1.22
C PRO A 33 -6.88 3.62 0.95
N PHE A 34 -6.32 3.85 -0.24
CA PHE A 34 -5.89 5.20 -0.62
C PHE A 34 -5.94 5.37 -2.13
N ILE A 35 -5.61 6.57 -2.60
CA ILE A 35 -5.62 6.86 -4.02
C ILE A 35 -4.22 6.69 -4.62
N TYR A 36 -4.14 5.83 -5.64
CA TYR A 36 -2.86 5.57 -6.30
C TYR A 36 -2.76 6.34 -7.62
N GLY A 37 -1.57 6.83 -7.91
CA GLY A 37 -1.36 7.58 -9.13
C GLY A 37 -0.94 6.70 -10.30
N GLY A 38 -1.11 5.39 -10.12
CA GLY A 38 -0.76 4.46 -11.18
C GLY A 38 0.72 4.09 -11.14
N CYS A 39 1.58 5.12 -11.10
CA CYS A 39 3.02 4.90 -11.08
C CYS A 39 3.45 4.28 -9.74
N GLY A 40 4.51 3.48 -9.78
CA GLY A 40 5.00 2.84 -8.58
C GLY A 40 5.53 3.84 -7.56
N GLY A 41 4.72 4.12 -6.54
CA GLY A 41 5.13 5.07 -5.52
C GLY A 41 6.11 4.47 -4.53
N ASN A 42 5.74 3.33 -3.94
CA ASN A 42 6.59 2.66 -2.98
C ASN A 42 6.38 1.15 -3.01
N GLY A 43 7.15 0.43 -2.21
CA GLY A 43 7.03 -1.02 -2.17
C GLY A 43 5.80 -1.47 -1.40
N ASN A 44 5.23 -0.57 -0.60
CA ASN A 44 4.05 -0.88 0.19
C ASN A 44 2.77 -0.64 -0.61
N ASN A 45 2.42 -1.60 -1.46
CA ASN A 45 1.23 -1.50 -2.28
C ASN A 45 0.50 -2.83 -2.35
N PHE A 46 -0.83 -2.78 -2.39
CA PHE A 46 -1.65 -3.98 -2.45
C PHE A 46 -2.91 -3.73 -3.27
N GLU A 47 -3.42 -4.79 -3.91
CA GLU A 47 -4.62 -4.68 -4.72
C GLU A 47 -5.88 -4.73 -3.85
N THR A 48 -5.82 -5.52 -2.78
CA THR A 48 -6.94 -5.66 -1.87
C THR A 48 -6.49 -5.59 -0.42
N LEU A 49 -7.43 -5.35 0.49
CA LEU A 49 -7.12 -5.27 1.91
C LEU A 49 -6.72 -6.63 2.47
N HIS A 50 -7.44 -7.66 2.05
CA HIS A 50 -7.16 -9.03 2.51
C HIS A 50 -5.72 -9.41 2.17
N ALA A 51 -5.39 -9.40 0.89
CA ALA A 51 -4.04 -9.74 0.44
C ALA A 51 -2.98 -9.01 1.25
N CYS A 52 -3.19 -7.71 1.46
CA CYS A 52 -2.25 -6.90 2.22
C CYS A 52 -1.90 -7.57 3.54
N ARG A 53 -2.92 -7.99 4.28
CA ARG A 53 -2.72 -8.65 5.56
C ARG A 53 -2.08 -10.02 5.38
N ALA A 54 -2.25 -10.60 4.19
CA ALA A 54 -1.68 -11.91 3.90
C ALA A 54 -0.17 -11.84 3.77
N ILE A 55 0.33 -10.66 3.42
CA ILE A 55 1.77 -10.46 3.27
C ILE A 55 2.32 -9.58 4.39
N CYS A 56 1.44 -8.88 5.08
CA CYS A 56 1.83 -8.01 6.18
C CYS A 56 1.85 -8.77 7.50
N ARG A 57 0.66 -9.11 8.00
CA ARG A 57 0.55 -9.84 9.25
C ARG A 57 0.57 -11.35 9.01
N ALA A 58 -0.53 -11.88 8.46
CA ALA A 58 -0.62 -13.30 8.18
C ALA A 58 0.23 -13.68 6.98
N ILE A 1 10.50 -12.28 4.01
CA ILE A 1 10.29 -11.08 4.81
C ILE A 1 9.05 -10.31 4.34
N GLN A 2 8.37 -9.66 5.27
CA GLN A 2 7.18 -8.90 4.95
C GLN A 2 7.32 -7.44 5.39
N GLY A 3 7.97 -7.24 6.54
CA GLY A 3 8.16 -5.89 7.04
C GLY A 3 8.80 -4.98 6.02
N ASN A 4 9.59 -5.55 5.13
CA ASN A 4 10.27 -4.78 4.09
C ASN A 4 9.29 -3.89 3.35
N ILE A 5 8.45 -4.49 2.52
CA ILE A 5 7.46 -3.74 1.75
C ILE A 5 6.52 -2.98 2.67
N CYS A 6 6.16 -3.59 3.79
CA CYS A 6 5.27 -2.98 4.75
C CYS A 6 6.02 -2.01 5.67
N SER A 7 6.64 -1.00 5.06
CA SER A 7 7.40 0.00 5.81
C SER A 7 7.21 1.39 5.22
N GLU A 8 7.20 1.47 3.89
CA GLU A 8 7.01 2.75 3.22
C GLU A 8 5.57 3.22 3.32
N PRO A 9 5.39 4.51 3.66
CA PRO A 9 4.06 5.13 3.74
C PRO A 9 3.42 5.30 2.36
N LYS A 10 2.11 5.16 2.30
CA LYS A 10 1.37 5.30 1.05
C LYS A 10 1.87 6.51 0.27
N LYS A 11 1.85 6.40 -1.05
CA LYS A 11 2.30 7.50 -1.92
C LYS A 11 1.28 7.76 -3.02
N VAL A 12 0.77 8.98 -3.06
CA VAL A 12 -0.22 9.37 -4.08
C VAL A 12 0.42 9.44 -5.45
N GLY A 13 1.27 10.44 -5.67
CA GLY A 13 1.93 10.60 -6.94
C GLY A 13 0.96 10.94 -8.06
N ARG A 14 1.16 12.10 -8.68
CA ARG A 14 0.29 12.53 -9.77
C ARG A 14 0.80 12.02 -11.11
N CYS A 15 0.17 10.94 -11.59
CA CYS A 15 0.55 10.34 -12.86
C CYS A 15 -0.67 9.87 -13.64
N ARG A 16 -0.44 9.07 -14.67
CA ARG A 16 -1.53 8.55 -15.50
C ARG A 16 -2.04 7.23 -14.94
N GLY A 17 -2.76 7.30 -13.82
CA GLY A 17 -3.29 6.11 -13.19
C GLY A 17 -3.83 6.37 -11.80
N SER A 18 -4.90 7.15 -11.72
CA SER A 18 -5.51 7.48 -10.43
C SER A 18 -6.60 6.49 -10.08
N PHE A 19 -6.30 5.58 -9.16
CA PHE A 19 -7.26 4.58 -8.73
C PHE A 19 -7.08 4.25 -7.25
N PRO A 20 -8.13 3.68 -6.64
CA PRO A 20 -8.09 3.25 -5.24
C PRO A 20 -7.20 2.03 -5.04
N ARG A 21 -6.24 2.15 -4.12
CA ARG A 21 -5.32 1.05 -3.83
C ARG A 21 -5.34 0.70 -2.34
N PHE A 22 -4.39 -0.14 -1.93
CA PHE A 22 -4.30 -0.55 -0.53
C PHE A 22 -2.86 -0.53 -0.06
N TYR A 23 -2.66 -0.10 1.19
CA TYR A 23 -1.31 -0.03 1.76
C TYR A 23 -1.35 -0.32 3.26
N PHE A 24 -0.18 -0.59 3.83
CA PHE A 24 -0.08 -0.88 5.26
C PHE A 24 0.41 0.33 6.03
N ASP A 25 -0.38 0.77 6.99
CA ASP A 25 -0.02 1.93 7.82
C ASP A 25 0.78 1.50 9.04
N SER A 26 1.99 2.05 9.16
CA SER A 26 2.86 1.73 10.28
C SER A 26 2.47 2.52 11.53
N GLU A 27 1.42 3.32 11.41
CA GLU A 27 0.94 4.13 12.52
C GLU A 27 -0.07 3.37 13.37
N THR A 28 -0.83 2.49 12.72
CA THR A 28 -1.83 1.68 13.41
C THR A 28 -1.58 0.20 13.21
N GLY A 29 -1.10 -0.15 12.02
CA GLY A 29 -0.83 -1.55 11.72
C GLY A 29 -2.00 -2.23 10.99
N LYS A 30 -2.75 -1.44 10.24
CA LYS A 30 -3.90 -1.96 9.50
C LYS A 30 -3.87 -1.48 8.06
N CYS A 31 -4.41 -2.29 7.15
CA CYS A 31 -4.46 -1.94 5.74
C CYS A 31 -5.49 -0.86 5.47
N THR A 32 -5.04 0.28 4.96
CA THR A 32 -5.93 1.39 4.66
C THR A 32 -5.91 1.73 3.17
N PRO A 33 -7.10 1.91 2.59
CA PRO A 33 -7.25 2.31 1.19
C PRO A 33 -6.79 3.74 0.93
N PHE A 34 -6.23 3.97 -0.25
CA PHE A 34 -5.74 5.30 -0.62
C PHE A 34 -5.76 5.49 -2.13
N ILE A 35 -5.21 6.61 -2.59
CA ILE A 35 -5.18 6.91 -4.01
C ILE A 35 -3.79 6.64 -4.59
N TYR A 36 -3.73 5.80 -5.62
CA TYR A 36 -2.46 5.46 -6.26
C TYR A 36 -2.28 6.24 -7.55
N GLY A 37 -1.05 6.68 -7.80
CA GLY A 37 -0.75 7.44 -9.00
C GLY A 37 -0.70 6.56 -10.24
N GLY A 38 -0.46 5.27 -10.04
CA GLY A 38 -0.40 4.35 -11.17
C GLY A 38 1.01 4.21 -11.71
N CYS A 39 1.76 5.30 -11.72
CA CYS A 39 3.12 5.29 -12.21
C CYS A 39 4.03 4.46 -11.30
N GLY A 40 3.74 4.50 -10.00
CA GLY A 40 4.54 3.75 -9.04
C GLY A 40 4.99 4.60 -7.87
N GLY A 41 5.08 3.97 -6.71
CA GLY A 41 5.49 4.70 -5.51
C GLY A 41 6.55 3.95 -4.72
N ASN A 42 6.13 3.26 -3.67
CA ASN A 42 7.06 2.50 -2.83
C ASN A 42 6.72 1.00 -2.87
N GLY A 43 7.38 0.25 -1.99
CA GLY A 43 7.14 -1.19 -1.95
C GLY A 43 5.86 -1.54 -1.22
N ASN A 44 5.29 -0.56 -0.53
CA ASN A 44 4.05 -0.78 0.21
C ASN A 44 2.83 -0.56 -0.67
N ASN A 45 2.51 -1.57 -1.48
CA ASN A 45 1.37 -1.48 -2.38
C ASN A 45 0.64 -2.82 -2.47
N PHE A 46 -0.68 -2.77 -2.47
CA PHE A 46 -1.50 -3.98 -2.56
C PHE A 46 -2.75 -3.75 -3.41
N GLU A 47 -3.23 -4.80 -4.05
CA GLU A 47 -4.42 -4.71 -4.88
C GLU A 47 -5.69 -4.74 -4.03
N THR A 48 -5.65 -5.53 -2.97
CA THR A 48 -6.80 -5.65 -2.08
C THR A 48 -6.38 -5.54 -0.62
N LEU A 49 -7.33 -5.23 0.25
CA LEU A 49 -7.06 -5.09 1.67
C LEU A 49 -6.65 -6.43 2.28
N HIS A 50 -7.28 -7.50 1.81
CA HIS A 50 -6.98 -8.84 2.31
C HIS A 50 -5.52 -9.19 2.08
N ALA A 51 -5.11 -9.24 0.81
CA ALA A 51 -3.74 -9.57 0.46
C ALA A 51 -2.75 -8.71 1.26
N CYS A 52 -3.11 -7.45 1.48
CA CYS A 52 -2.26 -6.54 2.23
C CYS A 52 -1.99 -7.07 3.64
N ARG A 53 -3.02 -7.66 4.24
CA ARG A 53 -2.90 -8.20 5.59
C ARG A 53 -2.23 -9.58 5.57
N ALA A 54 -2.56 -10.37 4.56
CA ALA A 54 -1.99 -11.70 4.41
C ALA A 54 -0.51 -11.63 4.03
N ILE A 55 -0.11 -10.48 3.49
CA ILE A 55 1.28 -10.29 3.08
C ILE A 55 2.07 -9.57 4.17
N CYS A 56 1.40 -8.73 4.94
CA CYS A 56 2.04 -7.99 6.01
C CYS A 56 1.99 -8.77 7.32
N ARG A 57 0.78 -9.04 7.81
CA ARG A 57 0.59 -9.77 9.04
C ARG A 57 0.52 -11.28 8.78
N ALA A 58 -0.63 -11.72 8.27
CA ALA A 58 -0.83 -13.13 7.96
C ALA A 58 0.04 -13.57 6.78
N ILE A 1 10.54 -11.85 1.62
CA ILE A 1 10.63 -10.79 2.61
C ILE A 1 9.35 -9.95 2.63
N GLN A 2 8.93 -9.54 3.83
CA GLN A 2 7.72 -8.74 3.98
C GLN A 2 8.07 -7.34 4.49
N GLY A 3 9.08 -7.26 5.34
CA GLY A 3 9.49 -5.98 5.89
C GLY A 3 9.76 -4.95 4.81
N ASN A 4 10.50 -5.36 3.78
CA ASN A 4 10.84 -4.46 2.69
C ASN A 4 9.59 -3.80 2.11
N ILE A 5 8.49 -4.57 2.07
CA ILE A 5 7.23 -4.07 1.54
C ILE A 5 6.59 -3.09 2.51
N CYS A 6 6.17 -3.59 3.67
CA CYS A 6 5.54 -2.76 4.69
C CYS A 6 6.58 -1.95 5.46
N SER A 7 7.28 -1.07 4.75
CA SER A 7 8.31 -0.23 5.36
C SER A 7 8.10 1.23 5.01
N GLU A 8 7.65 1.49 3.78
CA GLU A 8 7.41 2.84 3.32
C GLU A 8 5.92 3.18 3.37
N PRO A 9 5.61 4.46 3.62
CA PRO A 9 4.23 4.95 3.64
C PRO A 9 3.60 4.97 2.24
N LYS A 10 2.31 5.27 2.19
CA LYS A 10 1.59 5.32 0.92
C LYS A 10 1.83 6.65 0.21
N LYS A 11 1.67 6.66 -1.10
CA LYS A 11 1.86 7.86 -1.90
C LYS A 11 0.83 7.95 -3.02
N VAL A 12 0.21 9.12 -3.15
CA VAL A 12 -0.79 9.33 -4.19
C VAL A 12 -0.15 9.36 -5.58
N GLY A 13 1.03 9.97 -5.66
CA GLY A 13 1.72 10.05 -6.94
C GLY A 13 0.99 10.93 -7.94
N ARG A 14 1.70 11.88 -8.52
CA ARG A 14 1.11 12.79 -9.50
C ARG A 14 1.47 12.36 -10.92
N CYS A 15 1.29 11.08 -11.20
CA CYS A 15 1.60 10.54 -12.53
C CYS A 15 0.33 10.40 -13.37
N ARG A 16 0.43 9.64 -14.45
CA ARG A 16 -0.71 9.42 -15.33
C ARG A 16 -1.54 8.22 -14.87
N GLY A 17 -2.02 8.29 -13.63
CA GLY A 17 -2.82 7.20 -13.09
C GLY A 17 -3.44 7.56 -11.76
N SER A 18 -4.72 7.22 -11.60
CA SER A 18 -5.44 7.52 -10.37
C SER A 18 -6.54 6.48 -10.12
N PHE A 19 -6.21 5.45 -9.36
CA PHE A 19 -7.16 4.39 -9.05
C PHE A 19 -7.09 4.01 -7.58
N PRO A 20 -8.15 3.35 -7.08
CA PRO A 20 -8.20 2.86 -5.70
C PRO A 20 -7.25 1.69 -5.47
N ARG A 21 -6.55 1.73 -4.33
CA ARG A 21 -5.60 0.67 -3.98
C ARG A 21 -5.63 0.39 -2.49
N PHE A 22 -4.63 -0.33 -2.01
CA PHE A 22 -4.53 -0.68 -0.60
C PHE A 22 -3.09 -0.61 -0.11
N TYR A 23 -2.91 -0.13 1.12
CA TYR A 23 -1.58 -0.01 1.70
C TYR A 23 -1.61 -0.30 3.20
N PHE A 24 -0.44 -0.61 3.76
CA PHE A 24 -0.34 -0.91 5.18
C PHE A 24 0.13 0.32 5.96
N ASP A 25 -0.59 0.66 7.02
CA ASP A 25 -0.25 1.81 7.85
C ASP A 25 0.51 1.37 9.10
N SER A 26 1.76 1.83 9.22
CA SER A 26 2.59 1.48 10.36
C SER A 26 2.26 2.37 11.57
N GLU A 27 1.24 3.20 11.41
CA GLU A 27 0.82 4.10 12.49
C GLU A 27 -0.21 3.43 13.39
N THR A 28 -1.00 2.54 12.80
CA THR A 28 -2.03 1.82 13.55
C THR A 28 -1.88 0.31 13.40
N GLY A 29 -1.46 -0.11 12.21
CA GLY A 29 -1.28 -1.54 11.96
C GLY A 29 -2.44 -2.14 11.21
N LYS A 30 -3.09 -1.32 10.37
CA LYS A 30 -4.23 -1.79 9.58
C LYS A 30 -4.12 -1.30 8.14
N CYS A 31 -4.64 -2.11 7.22
CA CYS A 31 -4.60 -1.75 5.79
C CYS A 31 -5.64 -0.69 5.47
N THR A 32 -5.20 0.41 4.87
CA THR A 32 -6.09 1.50 4.50
C THR A 32 -6.09 1.72 2.99
N PRO A 33 -7.29 1.86 2.41
CA PRO A 33 -7.46 2.14 0.99
C PRO A 33 -7.02 3.56 0.63
N PHE A 34 -6.24 3.68 -0.44
CA PHE A 34 -5.75 4.97 -0.89
C PHE A 34 -5.66 5.03 -2.42
N ILE A 35 -5.40 6.21 -2.95
CA ILE A 35 -5.29 6.40 -4.39
C ILE A 35 -3.86 6.18 -4.86
N TYR A 36 -3.70 5.34 -5.89
CA TYR A 36 -2.39 5.05 -6.44
C TYR A 36 -2.14 5.83 -7.72
N GLY A 37 -0.97 6.47 -7.79
CA GLY A 37 -0.63 7.26 -8.96
C GLY A 37 -0.51 6.42 -10.21
N GLY A 38 -0.36 5.11 -10.03
CA GLY A 38 -0.24 4.20 -11.17
C GLY A 38 1.20 3.98 -11.56
N CYS A 39 1.99 5.05 -11.57
CA CYS A 39 3.40 4.96 -11.95
C CYS A 39 4.19 4.17 -10.91
N GLY A 40 3.73 4.23 -9.66
CA GLY A 40 4.41 3.53 -8.59
C GLY A 40 4.73 4.42 -7.41
N GLY A 41 4.62 3.87 -6.20
CA GLY A 41 4.89 4.64 -5.00
C GLY A 41 6.26 4.34 -4.43
N ASN A 42 6.30 3.76 -3.23
CA ASN A 42 7.55 3.42 -2.57
C ASN A 42 7.78 1.92 -2.58
N GLY A 43 6.71 1.15 -2.37
CA GLY A 43 6.82 -0.29 -2.36
C GLY A 43 5.71 -0.95 -1.58
N ASN A 44 5.12 -0.20 -0.64
CA ASN A 44 4.04 -0.72 0.19
C ASN A 44 2.70 -0.55 -0.50
N ASN A 45 2.35 -1.50 -1.36
CA ASN A 45 1.09 -1.44 -2.09
C ASN A 45 0.45 -2.83 -2.16
N PHE A 46 -0.87 -2.86 -2.32
CA PHE A 46 -1.60 -4.12 -2.41
C PHE A 46 -2.84 -3.97 -3.29
N GLU A 47 -3.25 -5.06 -3.91
CA GLU A 47 -4.43 -5.05 -4.79
C GLU A 47 -5.71 -5.15 -3.96
N THR A 48 -5.66 -5.94 -2.89
CA THR A 48 -6.82 -6.13 -2.03
C THR A 48 -6.43 -5.97 -0.56
N LEU A 49 -7.36 -5.45 0.23
CA LEU A 49 -7.12 -5.25 1.66
C LEU A 49 -6.88 -6.58 2.36
N HIS A 50 -7.56 -7.62 1.90
CA HIS A 50 -7.42 -8.95 2.48
C HIS A 50 -5.96 -9.40 2.46
N ALA A 51 -5.40 -9.53 1.26
CA ALA A 51 -4.02 -9.95 1.11
C ALA A 51 -3.09 -9.12 2.00
N CYS A 52 -3.21 -7.80 1.93
CA CYS A 52 -2.38 -6.92 2.73
C CYS A 52 -2.34 -7.38 4.18
N ARG A 53 -3.47 -7.85 4.69
CA ARG A 53 -3.56 -8.33 6.06
C ARG A 53 -2.77 -9.62 6.24
N ALA A 54 -3.03 -10.59 5.38
CA ALA A 54 -2.33 -11.87 5.45
C ALA A 54 -0.98 -11.80 4.73
N ILE A 55 -0.48 -10.58 4.54
CA ILE A 55 0.80 -10.38 3.86
C ILE A 55 1.82 -9.79 4.81
N CYS A 56 1.37 -8.93 5.72
CA CYS A 56 2.25 -8.30 6.68
C CYS A 56 1.78 -8.57 8.11
N ARG A 57 0.47 -8.65 8.28
CA ARG A 57 -0.11 -8.90 9.60
C ARG A 57 -0.24 -10.40 9.85
N ALA A 58 -0.45 -11.16 8.78
CA ALA A 58 -0.58 -12.60 8.90
C ALA A 58 0.09 -13.31 7.72
N ILE A 1 10.84 -9.44 2.08
CA ILE A 1 9.74 -10.35 1.76
C ILE A 1 8.46 -9.95 2.47
N GLN A 2 8.60 -9.47 3.71
CA GLN A 2 7.45 -9.06 4.50
C GLN A 2 7.74 -7.76 5.24
N GLY A 3 8.85 -7.75 5.98
CA GLY A 3 9.22 -6.56 6.73
C GLY A 3 9.63 -5.41 5.83
N ASN A 4 10.24 -5.74 4.68
CA ASN A 4 10.68 -4.73 3.74
C ASN A 4 9.51 -4.15 2.95
N ILE A 5 8.53 -5.00 2.66
CA ILE A 5 7.35 -4.57 1.92
C ILE A 5 6.53 -3.57 2.73
N CYS A 6 6.01 -4.01 3.86
CA CYS A 6 5.20 -3.14 4.73
C CYS A 6 6.10 -2.25 5.58
N SER A 7 6.91 -1.42 4.92
CA SER A 7 7.81 -0.52 5.61
C SER A 7 7.63 0.92 5.12
N GLU A 8 7.43 1.07 3.81
CA GLU A 8 7.24 2.39 3.21
C GLU A 8 5.78 2.82 3.31
N PRO A 9 5.58 4.13 3.58
CA PRO A 9 4.24 4.72 3.65
C PRO A 9 3.57 4.79 2.28
N LYS A 10 2.32 5.23 2.26
CA LYS A 10 1.57 5.36 1.02
C LYS A 10 2.00 6.60 0.24
N LYS A 11 1.87 6.53 -1.08
CA LYS A 11 2.25 7.64 -1.94
C LYS A 11 1.31 7.74 -3.14
N VAL A 12 0.65 8.89 -3.26
CA VAL A 12 -0.29 9.12 -4.37
C VAL A 12 0.47 9.29 -5.69
N GLY A 13 1.14 10.42 -5.83
CA GLY A 13 1.89 10.68 -7.06
C GLY A 13 1.05 11.37 -8.11
N ARG A 14 1.63 12.37 -8.77
CA ARG A 14 0.93 13.11 -9.81
C ARG A 14 1.30 12.60 -11.19
N CYS A 15 1.17 11.29 -11.40
CA CYS A 15 1.49 10.68 -12.68
C CYS A 15 0.23 10.43 -13.50
N ARG A 16 0.35 9.63 -14.55
CA ARG A 16 -0.77 9.31 -15.41
C ARG A 16 -1.53 8.09 -14.90
N GLY A 17 -2.10 8.21 -13.70
CA GLY A 17 -2.84 7.12 -13.12
C GLY A 17 -3.49 7.49 -11.80
N SER A 18 -4.76 7.15 -11.64
CA SER A 18 -5.50 7.46 -10.42
C SER A 18 -6.58 6.41 -10.16
N PHE A 19 -6.26 5.45 -9.30
CA PHE A 19 -7.18 4.38 -8.96
C PHE A 19 -7.08 4.02 -7.48
N PRO A 20 -8.14 3.36 -6.96
CA PRO A 20 -8.16 2.89 -5.57
C PRO A 20 -7.19 1.72 -5.33
N ARG A 21 -6.47 1.77 -4.23
CA ARG A 21 -5.51 0.73 -3.89
C ARG A 21 -5.54 0.43 -2.40
N PHE A 22 -4.53 -0.31 -1.93
CA PHE A 22 -4.45 -0.67 -0.51
C PHE A 22 -3.01 -0.58 -0.03
N TYR A 23 -2.82 0.00 1.16
CA TYR A 23 -1.50 0.14 1.74
C TYR A 23 -1.53 -0.09 3.25
N PHE A 24 -0.37 -0.40 3.82
CA PHE A 24 -0.26 -0.64 5.25
C PHE A 24 0.24 0.59 5.99
N ASP A 25 -0.53 1.06 6.97
CA ASP A 25 -0.15 2.23 7.75
C ASP A 25 0.65 1.83 8.99
N SER A 26 1.85 2.38 9.11
CA SER A 26 2.71 2.08 10.24
C SER A 26 2.31 2.91 11.46
N GLU A 27 1.26 3.70 11.31
CA GLU A 27 0.78 4.54 12.40
C GLU A 27 -0.24 3.79 13.25
N THR A 28 -1.05 2.96 12.61
CA THR A 28 -2.07 2.18 13.30
C THR A 28 -1.80 0.69 13.19
N GLY A 29 -1.22 0.28 12.06
CA GLY A 29 -0.91 -1.12 11.85
C GLY A 29 -2.02 -1.85 11.11
N LYS A 30 -2.76 -1.12 10.29
CA LYS A 30 -3.85 -1.70 9.52
C LYS A 30 -3.81 -1.25 8.06
N CYS A 31 -4.45 -2.01 7.19
CA CYS A 31 -4.48 -1.69 5.77
C CYS A 31 -5.52 -0.61 5.48
N THR A 32 -5.07 0.50 4.90
CA THR A 32 -5.96 1.60 4.57
C THR A 32 -6.03 1.83 3.06
N PRO A 33 -7.26 1.87 2.53
CA PRO A 33 -7.49 2.14 1.10
C PRO A 33 -7.18 3.58 0.73
N PHE A 34 -6.44 3.77 -0.35
CA PHE A 34 -6.07 5.10 -0.82
C PHE A 34 -6.03 5.15 -2.35
N ILE A 35 -5.50 6.24 -2.88
CA ILE A 35 -5.39 6.42 -4.31
C ILE A 35 -3.96 6.23 -4.79
N TYR A 36 -3.78 5.41 -5.82
CA TYR A 36 -2.45 5.15 -6.36
C TYR A 36 -2.23 5.96 -7.64
N GLY A 37 -1.00 6.46 -7.80
CA GLY A 37 -0.66 7.25 -8.97
C GLY A 37 -0.51 6.40 -10.21
N GLY A 38 -0.30 5.10 -10.02
CA GLY A 38 -0.14 4.20 -11.15
C GLY A 38 1.30 4.06 -11.58
N CYS A 39 2.03 5.17 -11.57
CA CYS A 39 3.44 5.16 -11.96
C CYS A 39 4.29 4.43 -10.93
N GLY A 40 3.90 4.54 -9.66
CA GLY A 40 4.64 3.87 -8.60
C GLY A 40 5.06 4.83 -7.51
N GLY A 41 4.51 4.63 -6.31
CA GLY A 41 4.85 5.49 -5.19
C GLY A 41 5.80 4.83 -4.21
N ASN A 42 5.44 3.64 -3.76
CA ASN A 42 6.26 2.89 -2.81
C ASN A 42 6.10 1.40 -3.00
N GLY A 43 6.86 0.62 -2.24
CA GLY A 43 6.79 -0.83 -2.34
C GLY A 43 5.66 -1.40 -1.51
N ASN A 44 5.13 -0.60 -0.59
CA ASN A 44 4.05 -1.04 0.27
C ASN A 44 2.69 -0.81 -0.39
N ASN A 45 2.32 -1.69 -1.31
CA ASN A 45 1.05 -1.58 -2.02
C ASN A 45 0.40 -2.94 -2.18
N PHE A 46 -0.93 -2.96 -2.25
CA PHE A 46 -1.68 -4.19 -2.41
C PHE A 46 -2.94 -3.98 -3.24
N GLU A 47 -3.38 -5.02 -3.94
CA GLU A 47 -4.57 -4.93 -4.78
C GLU A 47 -5.83 -5.08 -3.93
N THR A 48 -5.74 -5.87 -2.86
CA THR A 48 -6.87 -6.09 -1.98
C THR A 48 -6.45 -6.02 -0.52
N LEU A 49 -7.35 -5.51 0.33
CA LEU A 49 -7.06 -5.39 1.75
C LEU A 49 -6.78 -6.74 2.37
N HIS A 50 -7.47 -7.77 1.88
CA HIS A 50 -7.29 -9.12 2.38
C HIS A 50 -5.82 -9.55 2.31
N ALA A 51 -5.29 -9.60 1.09
CA ALA A 51 -3.91 -9.99 0.88
C ALA A 51 -2.98 -9.19 1.78
N CYS A 52 -3.20 -7.88 1.85
CA CYS A 52 -2.38 -7.00 2.68
C CYS A 52 -2.25 -7.56 4.10
N ARG A 53 -3.33 -8.15 4.59
CA ARG A 53 -3.35 -8.72 5.94
C ARG A 53 -2.50 -9.98 6.00
N ALA A 54 -2.64 -10.83 5.00
CA ALA A 54 -1.89 -12.08 4.94
C ALA A 54 -0.48 -11.84 4.40
N ILE A 55 -0.15 -10.58 4.16
CA ILE A 55 1.17 -10.23 3.64
C ILE A 55 1.99 -9.47 4.69
N CYS A 56 1.31 -8.64 5.47
CA CYS A 56 1.96 -7.87 6.51
C CYS A 56 1.99 -8.64 7.83
N ARG A 57 0.81 -8.96 8.35
CA ARG A 57 0.69 -9.69 9.61
C ARG A 57 0.68 -11.20 9.35
N ALA A 58 -0.46 -11.69 8.85
CA ALA A 58 -0.60 -13.11 8.57
C ALA A 58 0.15 -13.50 7.30
N ILE A 1 9.67 -12.10 5.57
CA ILE A 1 9.49 -11.51 4.24
C ILE A 1 8.20 -10.73 4.16
N GLN A 2 7.92 -9.94 5.20
CA GLN A 2 6.70 -9.14 5.23
C GLN A 2 7.03 -7.66 5.45
N GLY A 3 8.01 -7.41 6.31
CA GLY A 3 8.41 -6.04 6.60
C GLY A 3 9.07 -5.36 5.42
N ASN A 4 9.58 -6.17 4.49
CA ASN A 4 10.25 -5.64 3.30
C ASN A 4 9.38 -4.58 2.62
N ILE A 5 8.19 -4.99 2.21
CA ILE A 5 7.26 -4.08 1.54
C ILE A 5 6.52 -3.20 2.55
N CYS A 6 6.22 -3.78 3.71
CA CYS A 6 5.52 -3.05 4.76
C CYS A 6 6.50 -2.20 5.58
N SER A 7 7.15 -1.26 4.91
CA SER A 7 8.11 -0.38 5.58
C SER A 7 7.91 1.07 5.16
N GLU A 8 7.62 1.28 3.87
CA GLU A 8 7.41 2.62 3.35
C GLU A 8 5.93 3.01 3.45
N PRO A 9 5.68 4.30 3.67
CA PRO A 9 4.32 4.85 3.74
C PRO A 9 3.64 4.86 2.37
N LYS A 10 2.38 5.25 2.35
CA LYS A 10 1.62 5.31 1.10
C LYS A 10 2.06 6.48 0.23
N LYS A 11 1.88 6.34 -1.07
CA LYS A 11 2.27 7.39 -2.01
C LYS A 11 1.36 7.39 -3.24
N VAL A 12 0.82 8.56 -3.58
CA VAL A 12 -0.06 8.68 -4.73
C VAL A 12 0.72 9.03 -5.99
N GLY A 13 1.34 10.21 -5.98
CA GLY A 13 2.12 10.64 -7.13
C GLY A 13 1.26 11.24 -8.22
N ARG A 14 1.80 12.25 -8.92
CA ARG A 14 1.07 12.92 -9.98
C ARG A 14 1.48 12.36 -11.34
N CYS A 15 0.74 11.36 -11.82
CA CYS A 15 1.02 10.74 -13.10
C CYS A 15 -0.27 10.40 -13.84
N ARG A 16 -0.17 9.55 -14.85
CA ARG A 16 -1.32 9.15 -15.64
C ARG A 16 -2.00 7.93 -15.03
N GLY A 17 -2.65 8.15 -13.88
CA GLY A 17 -3.34 7.06 -13.21
C GLY A 17 -3.93 7.49 -11.87
N SER A 18 -5.18 7.11 -11.63
CA SER A 18 -5.86 7.46 -10.40
C SER A 18 -6.91 6.42 -10.03
N PHE A 19 -6.52 5.45 -9.21
CA PHE A 19 -7.41 4.39 -8.78
C PHE A 19 -7.22 4.07 -7.30
N PRO A 20 -8.25 3.45 -6.69
CA PRO A 20 -8.19 3.02 -5.29
C PRO A 20 -7.23 1.86 -5.08
N ARG A 21 -6.29 2.04 -4.16
CA ARG A 21 -5.30 1.01 -3.85
C ARG A 21 -5.33 0.66 -2.37
N PHE A 22 -4.34 -0.12 -1.94
CA PHE A 22 -4.24 -0.53 -0.55
C PHE A 22 -2.80 -0.45 -0.05
N TYR A 23 -2.63 -0.04 1.21
CA TYR A 23 -1.31 0.08 1.80
C TYR A 23 -1.36 -0.18 3.30
N PHE A 24 -0.19 -0.39 3.90
CA PHE A 24 -0.10 -0.66 5.33
C PHE A 24 0.33 0.60 6.08
N ASP A 25 -0.50 1.02 7.04
CA ASP A 25 -0.22 2.20 7.84
C ASP A 25 0.57 1.83 9.09
N SER A 26 1.73 2.46 9.26
CA SER A 26 2.58 2.20 10.41
C SER A 26 2.11 2.98 11.62
N GLU A 27 0.99 3.69 11.47
CA GLU A 27 0.44 4.48 12.56
C GLU A 27 -0.53 3.66 13.39
N THR A 28 -1.26 2.78 12.74
CA THR A 28 -2.23 1.93 13.41
C THR A 28 -1.87 0.45 13.28
N GLY A 29 -1.25 0.11 12.14
CA GLY A 29 -0.87 -1.27 11.90
C GLY A 29 -1.92 -2.05 11.14
N LYS A 30 -2.69 -1.35 10.31
CA LYS A 30 -3.74 -1.99 9.53
C LYS A 30 -3.70 -1.50 8.09
N CYS A 31 -4.32 -2.26 7.19
CA CYS A 31 -4.35 -1.92 5.78
C CYS A 31 -5.42 -0.86 5.51
N THR A 32 -5.00 0.27 4.95
CA THR A 32 -5.91 1.36 4.64
C THR A 32 -5.90 1.69 3.15
N PRO A 33 -7.10 1.80 2.56
CA PRO A 33 -7.26 2.17 1.16
C PRO A 33 -6.89 3.62 0.89
N PHE A 34 -6.43 3.90 -0.33
CA PHE A 34 -6.04 5.25 -0.70
C PHE A 34 -6.06 5.42 -2.22
N ILE A 35 -5.54 6.54 -2.69
CA ILE A 35 -5.49 6.83 -4.12
C ILE A 35 -4.08 6.65 -4.67
N TYR A 36 -3.95 5.80 -5.68
CA TYR A 36 -2.65 5.53 -6.30
C TYR A 36 -2.51 6.30 -7.60
N GLY A 37 -1.28 6.69 -7.92
CA GLY A 37 -1.02 7.43 -9.14
C GLY A 37 -0.90 6.53 -10.36
N GLY A 38 -0.64 5.24 -10.10
CA GLY A 38 -0.50 4.29 -11.20
C GLY A 38 0.93 4.16 -11.66
N CYS A 39 1.64 5.28 -11.72
CA CYS A 39 3.03 5.29 -12.16
C CYS A 39 3.92 4.60 -11.14
N GLY A 40 3.59 4.77 -9.86
CA GLY A 40 4.37 4.15 -8.80
C GLY A 40 4.57 5.08 -7.62
N GLY A 41 4.81 4.50 -6.45
CA GLY A 41 5.02 5.29 -5.25
C GLY A 41 5.97 4.64 -4.28
N ASN A 42 5.58 3.49 -3.74
CA ASN A 42 6.41 2.76 -2.79
C ASN A 42 6.18 1.26 -2.90
N GLY A 43 6.94 0.49 -2.13
CA GLY A 43 6.81 -0.96 -2.16
C GLY A 43 5.71 -1.46 -1.25
N ASN A 44 5.13 -0.56 -0.47
CA ASN A 44 4.07 -0.92 0.46
C ASN A 44 2.70 -0.80 -0.22
N ASN A 45 2.63 -1.23 -1.47
CA ASN A 45 1.38 -1.18 -2.23
C ASN A 45 0.73 -2.55 -2.30
N PHE A 46 -0.60 -2.57 -2.36
CA PHE A 46 -1.34 -3.82 -2.43
C PHE A 46 -2.59 -3.66 -3.31
N GLU A 47 -2.99 -4.75 -3.96
CA GLU A 47 -4.16 -4.73 -4.83
C GLU A 47 -5.45 -4.84 -4.02
N THR A 48 -5.39 -5.63 -2.95
CA THR A 48 -6.55 -5.82 -2.08
C THR A 48 -6.16 -5.79 -0.61
N LEU A 49 -7.10 -5.47 0.25
CA LEU A 49 -6.85 -5.41 1.69
C LEU A 49 -6.50 -6.79 2.24
N HIS A 50 -7.16 -7.81 1.72
CA HIS A 50 -6.91 -9.18 2.16
C HIS A 50 -5.43 -9.53 2.02
N ALA A 51 -4.92 -9.49 0.79
CA ALA A 51 -3.52 -9.80 0.53
C ALA A 51 -2.60 -9.03 1.46
N CYS A 52 -2.86 -7.72 1.59
CA CYS A 52 -2.06 -6.87 2.45
C CYS A 52 -1.91 -7.48 3.85
N ARG A 53 -2.97 -8.14 4.31
CA ARG A 53 -2.96 -8.77 5.62
C ARG A 53 -2.11 -10.03 5.62
N ALA A 54 -2.23 -10.82 4.55
CA ALA A 54 -1.46 -12.06 4.42
C ALA A 54 -0.04 -11.78 3.93
N ILE A 55 0.27 -10.50 3.75
CA ILE A 55 1.59 -10.10 3.28
C ILE A 55 2.36 -9.35 4.38
N CYS A 56 1.63 -8.66 5.24
CA CYS A 56 2.24 -7.91 6.33
C CYS A 56 2.27 -8.73 7.61
N ARG A 57 1.09 -9.01 8.16
CA ARG A 57 0.98 -9.79 9.39
C ARG A 57 0.88 -11.27 9.07
N ALA A 58 -0.29 -11.70 8.65
CA ALA A 58 -0.52 -13.10 8.32
C ALA A 58 -1.91 -13.31 7.71
#